data_9CTW
#
_entry.id   9CTW
#
_cell.length_a   1.00
_cell.length_b   1.00
_cell.length_c   1.00
_cell.angle_alpha   90.00
_cell.angle_beta   90.00
_cell.angle_gamma   90.00
#
_symmetry.space_group_name_H-M   'P 1'
#
loop_
_entity.id
_entity.type
_entity.pdbx_description
1 polymer 'Long conformation Fab light chain'
2 polymer 'Long conformation Fab heavy chain'
3 polymer 'Membrane protein'
#
loop_
_entity_poly.entity_id
_entity_poly.type
_entity_poly.pdbx_seq_one_letter_code
_entity_poly.pdbx_strand_id
1 'polypeptide(L)'
;MVLQTQVFISLLLWISGAYGDIVLTQSPASLTVSLGQRATISCRASESVDSFGNSFMHWYQQKPGQPPKLLIYRASNLES
GIPARFSGSGSRTDFTLTINPVEADDVATYYCQQSSEDPYTFGGGTKLEIKRADAAPTVSIFPPSSEQLTSGGASVVCFL
NNFYPKDINVKWKIDGSERQNGVLNSWTDQDSKDSTYSMSSTLTLTKDEYERHNSYTCEATHKTSTSPIVKSFNRNEC
;
C,E
2 'polypeptide(L)'
;MKHLWFFLLLVAAPRWVLSEVQLQQSGAELVRPGSSVKISCKGSGYVFSNYWMNWVKQRPGQGLEWIGQIYPGDGDTNYN
GKFKGKATLTADKSSSTAYMQLSSLTSEDSAVYFCASGYLGENYVMDFWGQGTSVTVSSAKTTPPSVYPLAPGSAAQTNS
MVTLGCLVKGYFPEPVTVTWNSGSLSSGVHTFPAVLQSDLYTLSSSVTVPSSTWPSETVTCNVAHPASSTKVDKKIVPRD
CGCKPCICTVPEVSSHHHHHHH
;
D,F
3 'polypeptide(L)'
;MADSNGTITVEELKKLLEQWNLVIGFLFLTWICLLQFAYANRNRFLYIIKLIFLWLLWPVTLACFVLAAVYRINWITGGI
AIAMACLVGLMWLSYFIASFRLFARTRSMWSFNPETNILLNVPLHGTILTRPLLESELVIGAVILRGHLRIAGHHLGRCD
IKDLPKEITVATSRTLSYYKLGASQRVAGDSGFAAYSRYRIGNYKLNTDHSSSSDNIALLVQSNSLEVLFQ
;
A,B
#
# COMPACT_ATOMS: atom_id res chain seq x y z
N ASP A 21 -19.31 -1.39 -34.62
CA ASP A 21 -18.70 -2.68 -34.34
C ASP A 21 -17.48 -2.90 -35.22
N ILE A 22 -16.29 -2.66 -34.65
CA ILE A 22 -15.04 -2.83 -35.36
C ILE A 22 -14.73 -4.32 -35.50
N VAL A 23 -15.01 -4.88 -36.67
CA VAL A 23 -14.79 -6.30 -36.90
C VAL A 23 -13.29 -6.57 -37.03
N LEU A 24 -12.79 -7.53 -36.26
CA LEU A 24 -11.39 -7.91 -36.26
C LEU A 24 -11.24 -9.24 -36.97
N THR A 25 -10.38 -9.29 -37.98
CA THR A 25 -10.15 -10.48 -38.77
C THR A 25 -8.72 -10.96 -38.56
N GLN A 26 -8.56 -12.24 -38.24
CA GLN A 26 -7.25 -12.82 -37.98
C GLN A 26 -6.81 -13.70 -39.14
N SER A 27 -5.49 -13.81 -39.31
CA SER A 27 -4.89 -14.63 -40.34
C SER A 27 -3.59 -15.20 -39.80
N PRO A 28 -3.36 -16.51 -39.91
CA PRO A 28 -4.24 -17.53 -40.47
C PRO A 28 -5.20 -18.11 -39.42
N ALA A 29 -6.11 -18.98 -39.82
CA ALA A 29 -6.98 -19.65 -38.86
C ALA A 29 -6.30 -20.82 -38.16
N SER A 30 -5.18 -21.30 -38.70
CA SER A 30 -4.42 -22.37 -38.09
C SER A 30 -2.95 -22.20 -38.48
N LEU A 31 -2.06 -22.54 -37.54
CA LEU A 31 -0.64 -22.32 -37.74
C LEU A 31 0.14 -23.48 -37.14
N THR A 32 1.11 -24.00 -37.91
CA THR A 32 2.02 -25.04 -37.45
C THR A 32 3.44 -24.52 -37.54
N VAL A 33 4.16 -24.56 -36.43
CA VAL A 33 5.55 -24.09 -36.36
C VAL A 33 6.39 -25.15 -35.67
N SER A 34 7.61 -25.35 -36.17
CA SER A 34 8.53 -26.28 -35.55
C SER A 34 9.10 -25.68 -34.28
N LEU A 35 9.52 -26.54 -33.36
CA LEU A 35 10.12 -26.09 -32.11
C LEU A 35 11.40 -25.31 -32.38
N GLY A 36 11.36 -24.00 -32.11
CA GLY A 36 12.50 -23.14 -32.35
C GLY A 36 12.22 -22.00 -33.29
N GLN A 37 11.41 -22.24 -34.33
CA GLN A 37 11.09 -21.20 -35.29
C GLN A 37 10.13 -20.18 -34.68
N ARG A 38 9.89 -19.10 -35.42
CA ARG A 38 9.04 -18.03 -34.96
C ARG A 38 7.64 -18.14 -35.56
N ALA A 39 6.65 -17.64 -34.82
CA ALA A 39 5.26 -17.66 -35.23
C ALA A 39 4.74 -16.23 -35.29
N THR A 40 4.03 -15.91 -36.37
CA THR A 40 3.48 -14.58 -36.61
C THR A 40 1.97 -14.68 -36.79
N ILE A 41 1.23 -13.90 -36.00
CA ILE A 41 -0.23 -13.88 -36.05
C ILE A 41 -0.66 -12.45 -36.36
N SER A 42 -1.60 -12.30 -37.28
CA SER A 42 -2.07 -11.00 -37.73
C SER A 42 -3.52 -10.78 -37.31
N CYS A 43 -3.88 -9.51 -37.10
CA CYS A 43 -5.24 -9.13 -36.73
C CYS A 43 -5.58 -7.83 -37.45
N ARG A 44 -6.67 -7.85 -38.23
CA ARG A 44 -7.08 -6.69 -38.99
C ARG A 44 -8.08 -5.87 -38.16
N ALA A 45 -8.72 -4.89 -38.77
CA ALA A 45 -9.73 -4.09 -38.10
C ALA A 45 -10.62 -3.43 -39.15
N SER A 46 -11.92 -3.32 -38.84
CA SER A 46 -12.84 -2.67 -39.76
C SER A 46 -12.65 -1.15 -39.75
N GLU A 47 -12.34 -0.58 -38.58
CA GLU A 47 -12.10 0.85 -38.47
C GLU A 47 -10.75 1.10 -37.80
N SER A 48 -10.47 2.35 -37.46
CA SER A 48 -9.23 2.71 -36.77
C SER A 48 -9.42 2.49 -35.27
N VAL A 49 -8.53 1.69 -34.68
CA VAL A 49 -8.64 1.39 -33.25
C VAL A 49 -7.95 2.44 -32.39
N ASP A 50 -7.17 3.34 -32.98
CA ASP A 50 -6.43 4.32 -32.21
C ASP A 50 -7.36 5.40 -31.69
N SER A 51 -7.36 5.59 -30.38
CA SER A 51 -8.07 6.67 -29.71
C SER A 51 -7.14 7.87 -29.59
N PHE A 52 -7.46 8.81 -28.69
CA PHE A 52 -6.69 10.04 -28.55
C PHE A 52 -5.33 9.70 -27.95
N GLY A 53 -4.45 9.20 -28.82
CA GLY A 53 -3.09 8.87 -28.45
C GLY A 53 -2.84 7.45 -27.97
N ASN A 54 -3.87 6.61 -27.94
CA ASN A 54 -3.74 5.25 -27.44
C ASN A 54 -4.27 4.26 -28.47
N SER A 55 -3.71 3.05 -28.46
CA SER A 55 -4.02 2.02 -29.46
C SER A 55 -5.22 1.16 -29.06
N PHE A 56 -5.23 0.64 -27.83
CA PHE A 56 -6.31 -0.20 -27.30
C PHE A 56 -6.46 -1.49 -28.11
N MET A 57 -5.38 -2.25 -28.18
CA MET A 57 -5.38 -3.57 -28.81
C MET A 57 -4.72 -4.56 -27.85
N HIS A 58 -5.44 -5.63 -27.52
CA HIS A 58 -5.00 -6.61 -26.55
C HIS A 58 -4.95 -8.00 -27.17
N TRP A 59 -4.05 -8.84 -26.64
CA TRP A 59 -3.89 -10.20 -27.11
C TRP A 59 -4.03 -11.17 -25.94
N TYR A 60 -4.73 -12.28 -26.15
CA TYR A 60 -5.02 -13.25 -25.11
C TYR A 60 -4.55 -14.64 -25.54
N GLN A 61 -4.33 -15.49 -24.54
CA GLN A 61 -4.00 -16.90 -24.75
C GLN A 61 -4.93 -17.74 -23.91
N GLN A 62 -5.59 -18.72 -24.52
CA GLN A 62 -6.54 -19.58 -23.82
C GLN A 62 -6.20 -21.05 -24.09
N LYS A 63 -5.71 -21.74 -23.07
CA LYS A 63 -5.56 -23.18 -23.12
C LYS A 63 -6.91 -23.85 -22.84
N PRO A 64 -7.12 -25.07 -23.31
CA PRO A 64 -8.42 -25.72 -23.12
C PRO A 64 -8.77 -25.89 -21.64
N GLY A 65 -10.02 -25.55 -21.31
CA GLY A 65 -10.51 -25.68 -19.96
C GLY A 65 -10.03 -24.62 -18.99
N GLN A 66 -9.54 -23.49 -19.49
CA GLN A 66 -9.01 -22.42 -18.64
C GLN A 66 -9.48 -21.08 -19.17
N PRO A 67 -9.59 -20.07 -18.30
CA PRO A 67 -9.94 -18.73 -18.76
C PRO A 67 -8.80 -18.11 -19.56
N PRO A 68 -9.09 -17.13 -20.40
CA PRO A 68 -8.03 -16.49 -21.20
C PRO A 68 -7.00 -15.79 -20.32
N LYS A 69 -5.78 -15.69 -20.85
CA LYS A 69 -4.67 -15.05 -20.14
C LYS A 69 -4.14 -13.91 -21.00
N LEU A 70 -4.09 -12.71 -20.42
CA LEU A 70 -3.62 -11.55 -21.15
C LEU A 70 -2.11 -11.63 -21.40
N LEU A 71 -1.70 -11.27 -22.61
CA LEU A 71 -0.28 -11.23 -22.99
C LEU A 71 0.20 -9.82 -23.27
N ILE A 72 -0.47 -9.11 -24.17
CA ILE A 72 -0.08 -7.77 -24.60
C ILE A 72 -1.27 -6.85 -24.41
N TYR A 73 -1.05 -5.66 -23.87
CA TYR A 73 -2.09 -4.66 -23.74
C TYR A 73 -1.66 -3.35 -24.39
N ARG A 74 -2.61 -2.71 -25.06
CA ARG A 74 -2.38 -1.49 -25.85
C ARG A 74 -1.33 -1.71 -26.93
N ALA A 75 -1.32 -2.94 -27.48
CA ALA A 75 -0.66 -3.31 -28.74
C ALA A 75 0.86 -3.35 -28.65
N SER A 76 1.45 -2.85 -27.58
CA SER A 76 2.90 -2.96 -27.44
C SER A 76 3.33 -3.47 -26.08
N ASN A 77 2.63 -3.10 -25.01
CA ASN A 77 3.11 -3.34 -23.66
C ASN A 77 2.94 -4.80 -23.25
N LEU A 78 3.99 -5.36 -22.65
CA LEU A 78 4.01 -6.75 -22.23
C LEU A 78 3.44 -6.88 -20.82
N GLU A 79 2.58 -7.87 -20.62
CA GLU A 79 1.96 -8.09 -19.32
C GLU A 79 3.00 -8.60 -18.32
N SER A 80 2.85 -8.18 -17.07
CA SER A 80 3.73 -8.64 -16.01
C SER A 80 3.50 -10.13 -15.73
N GLY A 81 4.59 -10.87 -15.55
CA GLY A 81 4.52 -12.30 -15.36
C GLY A 81 4.49 -13.12 -16.64
N ILE A 82 4.57 -12.47 -17.79
CA ILE A 82 4.56 -13.15 -19.08
C ILE A 82 6.00 -13.23 -19.57
N PRO A 83 6.46 -14.38 -20.07
CA PRO A 83 7.82 -14.48 -20.58
C PRO A 83 8.07 -13.52 -21.73
N ALA A 84 9.30 -13.03 -21.81
CA ALA A 84 9.67 -12.00 -22.78
C ALA A 84 9.75 -12.52 -24.21
N ARG A 85 9.38 -13.77 -24.47
CA ARG A 85 9.39 -14.29 -25.83
C ARG A 85 8.16 -13.89 -26.63
N PHE A 86 7.19 -13.23 -25.99
CA PHE A 86 6.03 -12.68 -26.69
C PHE A 86 6.26 -11.19 -26.92
N SER A 87 5.97 -10.73 -28.13
CA SER A 87 6.10 -9.31 -28.46
C SER A 87 5.05 -8.93 -29.48
N GLY A 88 4.50 -7.72 -29.34
CA GLY A 88 3.49 -7.24 -30.24
C GLY A 88 3.86 -5.88 -30.80
N SER A 89 3.26 -5.58 -31.95
CA SER A 89 3.53 -4.33 -32.65
C SER A 89 2.28 -3.94 -33.42
N GLY A 90 2.41 -2.91 -34.25
CA GLY A 90 1.34 -2.46 -35.11
C GLY A 90 0.67 -1.20 -34.59
N SER A 91 -0.11 -0.58 -35.47
CA SER A 91 -0.84 0.64 -35.15
C SER A 91 -2.00 0.79 -36.12
N ARG A 92 -2.93 1.68 -35.77
CA ARG A 92 -4.10 2.00 -36.58
C ARG A 92 -4.95 0.76 -36.84
N THR A 93 -4.73 0.10 -37.98
CA THR A 93 -5.51 -1.06 -38.38
C THR A 93 -4.72 -2.36 -38.38
N ASP A 94 -3.45 -2.33 -38.76
CA ASP A 94 -2.63 -3.54 -38.84
C ASP A 94 -1.94 -3.79 -37.50
N PHE A 95 -2.12 -4.98 -36.95
CA PHE A 95 -1.49 -5.39 -35.70
C PHE A 95 -0.93 -6.80 -35.86
N THR A 96 0.08 -7.12 -35.06
CA THR A 96 0.82 -8.37 -35.21
C THR A 96 1.36 -8.82 -33.86
N LEU A 97 1.25 -10.12 -33.60
CA LEU A 97 1.85 -10.77 -32.43
C LEU A 97 2.90 -11.77 -32.89
N THR A 98 4.03 -11.79 -32.21
CA THR A 98 5.15 -12.64 -32.60
C THR A 98 5.65 -13.43 -31.41
N ILE A 99 5.87 -14.73 -31.61
CA ILE A 99 6.50 -15.61 -30.63
C ILE A 99 7.76 -16.15 -31.28
N ASN A 100 8.92 -15.54 -31.01
CA ASN A 100 10.12 -15.90 -31.75
C ASN A 100 10.68 -17.27 -31.36
N PRO A 101 11.02 -17.55 -30.08
CA PRO A 101 11.38 -18.92 -29.73
C PRO A 101 10.19 -19.74 -29.22
N VAL A 102 9.38 -20.29 -30.12
CA VAL A 102 8.23 -21.08 -29.68
C VAL A 102 8.71 -22.33 -28.94
N GLU A 103 7.85 -22.84 -28.06
CA GLU A 103 8.12 -24.01 -27.25
C GLU A 103 6.90 -24.93 -27.28
N ALA A 104 7.03 -26.08 -26.63
CA ALA A 104 5.94 -27.07 -26.63
C ALA A 104 4.77 -26.65 -25.77
N ASP A 105 4.97 -25.69 -24.85
CA ASP A 105 3.92 -25.24 -23.96
C ASP A 105 3.06 -24.14 -24.56
N ASP A 106 3.39 -23.65 -25.76
CA ASP A 106 2.68 -22.56 -26.39
C ASP A 106 1.50 -23.02 -27.24
N VAL A 107 1.01 -24.24 -27.04
CA VAL A 107 -0.12 -24.76 -27.80
C VAL A 107 -1.40 -24.20 -27.16
N ALA A 108 -2.05 -23.27 -27.85
CA ALA A 108 -3.28 -22.64 -27.36
C ALA A 108 -3.93 -21.92 -28.54
N THR A 109 -4.97 -21.14 -28.24
CA THR A 109 -5.66 -20.32 -29.23
C THR A 109 -5.49 -18.86 -28.83
N TYR A 110 -5.17 -18.00 -29.80
CA TYR A 110 -4.83 -16.61 -29.54
C TYR A 110 -5.90 -15.71 -30.14
N TYR A 111 -6.34 -14.72 -29.36
CA TYR A 111 -7.38 -13.78 -29.76
C TYR A 111 -6.87 -12.36 -29.67
N CYS A 112 -7.44 -11.48 -30.49
CA CYS A 112 -7.21 -10.04 -30.39
C CYS A 112 -8.52 -9.35 -30.02
N GLN A 113 -8.42 -8.34 -29.17
CA GLN A 113 -9.59 -7.60 -28.68
C GLN A 113 -9.35 -6.10 -28.79
N GLN A 114 -10.41 -5.36 -29.07
CA GLN A 114 -10.38 -3.90 -29.08
C GLN A 114 -11.26 -3.35 -27.96
N SER A 115 -10.86 -2.20 -27.43
CA SER A 115 -11.61 -1.55 -26.36
C SER A 115 -11.94 -0.10 -26.68
N SER A 116 -11.74 0.34 -27.93
CA SER A 116 -11.95 1.74 -28.28
C SER A 116 -13.44 2.09 -28.25
N GLU A 117 -14.28 1.29 -28.91
CA GLU A 117 -15.71 1.54 -28.91
C GLU A 117 -16.38 0.75 -27.78
N ASP A 118 -17.63 1.12 -27.48
CA ASP A 118 -18.32 0.52 -26.35
C ASP A 118 -18.56 -0.98 -26.51
N PRO A 119 -19.11 -1.49 -27.63
CA PRO A 119 -19.26 -2.95 -27.76
C PRO A 119 -17.94 -3.64 -28.07
N TYR A 120 -17.18 -3.99 -27.04
CA TYR A 120 -15.88 -4.63 -27.24
C TYR A 120 -16.05 -5.91 -28.04
N THR A 121 -15.17 -6.10 -29.03
CA THR A 121 -15.24 -7.24 -29.92
C THR A 121 -13.93 -8.03 -29.86
N PHE A 122 -14.03 -9.34 -30.06
CA PHE A 122 -12.89 -10.24 -30.07
C PHE A 122 -12.58 -10.68 -31.49
N GLY A 123 -11.41 -11.28 -31.66
CA GLY A 123 -11.02 -11.84 -32.94
C GLY A 123 -11.56 -13.24 -33.15
N GLY A 124 -11.36 -13.76 -34.36
CA GLY A 124 -11.85 -15.08 -34.69
C GLY A 124 -11.17 -16.19 -33.90
N GLY A 125 -9.85 -16.08 -33.73
CA GLY A 125 -9.09 -17.11 -33.04
C GLY A 125 -8.13 -17.79 -34.00
N THR A 126 -6.92 -18.07 -33.52
CA THR A 126 -5.88 -18.72 -34.31
C THR A 126 -5.28 -19.85 -33.47
N LYS A 127 -5.54 -21.09 -33.88
CA LYS A 127 -5.01 -22.24 -33.17
C LYS A 127 -3.57 -22.50 -33.60
N LEU A 128 -2.69 -22.67 -32.63
CA LEU A 128 -1.27 -22.91 -32.88
C LEU A 128 -0.96 -24.37 -32.66
N GLU A 129 -0.30 -24.99 -33.65
CA GLU A 129 0.11 -26.38 -33.59
C GLU A 129 1.62 -26.47 -33.67
N ILE A 130 2.18 -27.53 -33.11
CA ILE A 130 3.63 -27.73 -33.04
C ILE A 130 3.99 -28.91 -33.93
N LYS A 131 4.99 -28.71 -34.78
CA LYS A 131 5.46 -29.74 -35.69
C LYS A 131 6.65 -30.46 -35.07
N ARG A 132 6.71 -31.79 -35.26
CA ARG A 132 7.77 -32.60 -34.70
C ARG A 132 7.93 -33.86 -35.57
N ALA A 133 8.69 -34.82 -35.07
CA ALA A 133 8.93 -36.05 -35.80
C ALA A 133 7.70 -36.96 -35.76
N ASP A 134 7.58 -37.81 -36.76
CA ASP A 134 6.45 -38.75 -36.81
C ASP A 134 6.66 -39.88 -35.81
N ALA A 135 5.56 -40.34 -35.22
CA ALA A 135 5.58 -41.42 -34.26
C ALA A 135 4.45 -42.40 -34.58
N ALA A 136 4.61 -43.62 -34.10
CA ALA A 136 3.64 -44.67 -34.39
C ALA A 136 2.71 -44.88 -33.20
N PRO A 137 1.45 -45.26 -33.44
CA PRO A 137 0.52 -45.49 -32.34
C PRO A 137 0.83 -46.79 -31.60
N THR A 138 0.23 -46.91 -30.41
CA THR A 138 0.35 -48.09 -29.57
C THR A 138 -1.07 -48.66 -29.40
N VAL A 139 -1.41 -49.62 -30.26
CA VAL A 139 -2.78 -50.13 -30.35
C VAL A 139 -3.03 -51.11 -29.21
N SER A 140 -4.21 -50.99 -28.60
CA SER A 140 -4.63 -51.86 -27.51
C SER A 140 -6.11 -52.19 -27.65
N ILE A 141 -6.43 -53.47 -27.67
CA ILE A 141 -7.80 -53.95 -27.82
C ILE A 141 -8.30 -54.45 -26.47
N PHE A 142 -9.59 -54.23 -26.20
CA PHE A 142 -10.17 -54.59 -24.92
C PHE A 142 -11.51 -55.30 -25.13
N PRO A 143 -11.72 -56.46 -24.52
CA PRO A 143 -13.00 -57.17 -24.66
C PRO A 143 -14.05 -56.56 -23.74
N PRO A 144 -15.33 -56.81 -24.02
CA PRO A 144 -16.38 -56.32 -23.12
C PRO A 144 -16.31 -57.00 -21.76
N SER A 145 -16.72 -56.27 -20.74
CA SER A 145 -16.67 -56.78 -19.37
C SER A 145 -17.94 -57.55 -19.03
N SER A 146 -17.84 -58.33 -17.94
CA SER A 146 -18.98 -59.13 -17.50
C SER A 146 -20.14 -58.25 -17.05
N GLU A 147 -19.84 -57.11 -16.41
CA GLU A 147 -20.89 -56.18 -16.02
C GLU A 147 -21.62 -55.63 -17.24
N GLN A 148 -20.87 -55.28 -18.28
CA GLN A 148 -21.50 -54.82 -19.52
C GLN A 148 -22.36 -55.91 -20.15
N LEU A 149 -21.86 -57.14 -20.16
CA LEU A 149 -22.60 -58.25 -20.77
C LEU A 149 -23.89 -58.54 -20.01
N THR A 150 -23.83 -58.52 -18.67
CA THR A 150 -25.04 -58.77 -17.88
C THR A 150 -25.99 -57.58 -17.87
N SER A 151 -25.50 -56.37 -18.14
CA SER A 151 -26.39 -55.24 -18.34
C SER A 151 -27.01 -55.24 -19.73
N GLY A 152 -26.42 -55.94 -20.68
CA GLY A 152 -27.00 -56.14 -21.99
C GLY A 152 -26.21 -55.53 -23.13
N GLY A 153 -25.31 -54.60 -22.85
CA GLY A 153 -24.51 -53.99 -23.90
C GLY A 153 -23.26 -54.79 -24.22
N ALA A 154 -22.58 -54.37 -25.29
CA ALA A 154 -21.31 -54.96 -25.70
C ALA A 154 -20.53 -53.88 -26.44
N SER A 155 -19.59 -53.25 -25.75
CA SER A 155 -18.80 -52.15 -26.31
C SER A 155 -17.32 -52.53 -26.28
N VAL A 156 -16.79 -52.92 -27.43
CA VAL A 156 -15.36 -53.15 -27.56
C VAL A 156 -14.66 -51.82 -27.79
N VAL A 157 -13.53 -51.61 -27.10
CA VAL A 157 -12.83 -50.33 -27.08
C VAL A 157 -11.40 -50.56 -27.55
N CYS A 158 -10.93 -49.72 -28.47
CA CYS A 158 -9.57 -49.77 -28.98
C CYS A 158 -8.91 -48.42 -28.76
N PHE A 159 -7.71 -48.43 -28.17
CA PHE A 159 -6.97 -47.21 -27.87
C PHE A 159 -5.77 -47.06 -28.79
N LEU A 160 -5.53 -45.83 -29.25
CA LEU A 160 -4.36 -45.49 -30.05
C LEU A 160 -3.63 -44.35 -29.34
N ASN A 161 -2.46 -44.64 -28.79
CA ASN A 161 -1.77 -43.71 -27.91
C ASN A 161 -0.46 -43.23 -28.51
N ASN A 162 -0.20 -41.92 -28.34
CA ASN A 162 1.11 -41.30 -28.57
C ASN A 162 1.58 -41.49 -30.01
N PHE A 163 0.84 -40.88 -30.92
CA PHE A 163 1.20 -40.87 -32.34
C PHE A 163 1.20 -39.44 -32.87
N TYR A 164 1.99 -39.23 -33.92
CA TYR A 164 2.04 -37.97 -34.64
C TYR A 164 2.28 -38.30 -36.11
N PRO A 165 1.59 -37.62 -37.03
CA PRO A 165 0.59 -36.57 -36.85
C PRO A 165 -0.84 -37.08 -36.64
N LYS A 166 -1.83 -36.20 -36.84
CA LYS A 166 -3.23 -36.51 -36.58
C LYS A 166 -3.88 -37.36 -37.66
N ASP A 167 -3.20 -37.58 -38.79
CA ASP A 167 -3.75 -38.35 -39.90
C ASP A 167 -3.70 -39.83 -39.55
N ILE A 168 -4.83 -40.39 -39.13
CA ILE A 168 -4.92 -41.81 -38.80
C ILE A 168 -6.35 -42.28 -39.06
N ASN A 169 -6.48 -43.53 -39.51
CA ASN A 169 -7.78 -44.14 -39.74
C ASN A 169 -7.85 -45.47 -39.01
N VAL A 170 -9.08 -45.85 -38.64
CA VAL A 170 -9.34 -47.11 -37.94
C VAL A 170 -10.39 -47.88 -38.71
N LYS A 171 -10.17 -49.18 -38.88
CA LYS A 171 -11.10 -50.07 -39.57
C LYS A 171 -11.58 -51.13 -38.59
N TRP A 172 -12.89 -51.13 -38.33
CA TRP A 172 -13.49 -52.06 -37.38
C TRP A 172 -14.12 -53.24 -38.12
N LYS A 173 -13.28 -54.18 -38.52
CA LYS A 173 -13.75 -55.39 -39.17
C LYS A 173 -13.98 -56.48 -38.14
N ILE A 174 -15.04 -57.26 -38.33
CA ILE A 174 -15.40 -58.36 -37.44
C ILE A 174 -15.59 -59.62 -38.28
N ASP A 175 -14.88 -60.69 -37.92
CA ASP A 175 -14.90 -61.96 -38.65
C ASP A 175 -14.59 -61.75 -40.13
N GLY A 176 -13.67 -60.82 -40.42
CA GLY A 176 -13.31 -60.49 -41.78
C GLY A 176 -14.25 -59.57 -42.50
N SER A 177 -15.32 -59.10 -41.85
CA SER A 177 -16.31 -58.23 -42.48
C SER A 177 -16.33 -56.89 -41.77
N GLU A 178 -16.29 -55.81 -42.55
CA GLU A 178 -16.25 -54.46 -41.98
C GLU A 178 -17.57 -54.11 -41.30
N ARG A 179 -17.48 -53.32 -40.23
CA ARG A 179 -18.64 -52.82 -39.51
C ARG A 179 -18.61 -51.30 -39.53
N GLN A 180 -19.71 -50.69 -39.96
CA GLN A 180 -19.79 -49.24 -40.09
C GLN A 180 -20.82 -48.61 -39.17
N ASN A 181 -21.33 -49.35 -38.19
CA ASN A 181 -22.39 -48.87 -37.30
C ASN A 181 -21.90 -48.91 -35.85
N GLY A 182 -22.18 -47.83 -35.12
CA GLY A 182 -21.83 -47.77 -33.72
C GLY A 182 -20.39 -47.43 -33.43
N VAL A 183 -19.66 -46.88 -34.39
CA VAL A 183 -18.25 -46.56 -34.21
C VAL A 183 -18.15 -45.08 -33.82
N LEU A 184 -17.56 -44.80 -32.67
CA LEU A 184 -17.40 -43.46 -32.15
C LEU A 184 -15.92 -43.19 -31.90
N ASN A 185 -15.40 -42.13 -32.50
CA ASN A 185 -14.00 -41.75 -32.38
C ASN A 185 -13.86 -40.50 -31.56
N SER A 186 -12.75 -40.39 -30.82
CA SER A 186 -12.54 -39.24 -29.94
C SER A 186 -11.05 -38.97 -29.82
N TRP A 187 -10.59 -37.87 -30.41
CA TRP A 187 -9.21 -37.45 -30.31
C TRP A 187 -9.01 -36.59 -29.06
N THR A 188 -7.75 -36.47 -28.65
CA THR A 188 -7.36 -35.63 -27.54
C THR A 188 -6.63 -34.39 -28.06
N ASP A 189 -6.47 -33.41 -27.17
CA ASP A 189 -5.68 -32.24 -27.49
C ASP A 189 -4.21 -32.62 -27.58
N GLN A 190 -3.45 -31.81 -28.33
CA GLN A 190 -2.02 -32.04 -28.43
C GLN A 190 -1.36 -31.79 -27.08
N ASP A 191 -0.45 -32.68 -26.70
CA ASP A 191 0.16 -32.63 -25.39
C ASP A 191 1.10 -31.43 -25.26
N SER A 192 1.23 -30.93 -24.04
CA SER A 192 2.11 -29.81 -23.74
C SER A 192 3.50 -30.24 -23.32
N LYS A 193 3.79 -31.55 -23.37
CA LYS A 193 5.09 -32.07 -22.99
C LYS A 193 5.85 -32.64 -24.18
N ASP A 194 5.25 -33.60 -24.90
CA ASP A 194 5.88 -34.20 -26.06
C ASP A 194 5.17 -33.87 -27.37
N SER A 195 4.06 -33.11 -27.32
CA SER A 195 3.35 -32.63 -28.50
C SER A 195 2.84 -33.76 -29.38
N THR A 196 2.23 -34.77 -28.75
CA THR A 196 1.71 -35.93 -29.46
C THR A 196 0.22 -36.10 -29.16
N TYR A 197 -0.45 -36.91 -29.96
CA TYR A 197 -1.90 -37.08 -29.90
C TYR A 197 -2.26 -38.43 -29.28
N SER A 198 -3.57 -38.69 -29.24
CA SER A 198 -4.12 -39.97 -28.80
C SER A 198 -5.53 -40.08 -29.36
N MET A 199 -6.07 -41.30 -29.34
CA MET A 199 -7.36 -41.56 -29.95
C MET A 199 -7.94 -42.84 -29.39
N SER A 200 -9.27 -42.88 -29.29
CA SER A 200 -9.98 -44.09 -28.89
C SER A 200 -11.21 -44.26 -29.77
N SER A 201 -11.37 -45.46 -30.33
CA SER A 201 -12.54 -45.80 -31.13
C SER A 201 -13.30 -46.93 -30.45
N THR A 202 -14.59 -46.72 -30.23
CA THR A 202 -15.43 -47.68 -29.53
C THR A 202 -16.51 -48.19 -30.48
N LEU A 203 -16.72 -49.50 -30.47
CA LEU A 203 -17.76 -50.15 -31.27
C LEU A 203 -18.81 -50.72 -30.33
N THR A 204 -20.05 -50.25 -30.47
CA THR A 204 -21.13 -50.62 -29.56
C THR A 204 -22.04 -51.65 -30.23
N LEU A 205 -22.27 -52.76 -29.54
CA LEU A 205 -23.15 -53.81 -30.02
C LEU A 205 -24.17 -54.18 -28.95
N THR A 206 -24.93 -55.24 -29.17
CA THR A 206 -25.76 -55.85 -28.17
C THR A 206 -25.16 -57.19 -27.76
N LYS A 207 -25.77 -57.83 -26.76
CA LYS A 207 -25.23 -59.09 -26.26
C LYS A 207 -25.33 -60.20 -27.31
N ASP A 208 -26.45 -60.27 -28.02
CA ASP A 208 -26.64 -61.33 -29.01
C ASP A 208 -25.68 -61.19 -30.17
N GLU A 209 -25.46 -59.96 -30.65
CA GLU A 209 -24.52 -59.74 -31.75
C GLU A 209 -23.10 -60.09 -31.34
N TYR A 210 -22.71 -59.76 -30.10
CA TYR A 210 -21.39 -60.12 -29.62
C TYR A 210 -21.24 -61.63 -29.47
N GLU A 211 -22.29 -62.31 -29.02
CA GLU A 211 -22.19 -63.76 -28.80
C GLU A 211 -22.03 -64.52 -30.11
N ARG A 212 -22.72 -64.09 -31.16
CA ARG A 212 -22.70 -64.84 -32.42
C ARG A 212 -21.33 -64.83 -33.07
N HIS A 213 -20.71 -63.65 -33.20
CA HIS A 213 -19.42 -63.57 -33.85
C HIS A 213 -18.30 -63.90 -32.87
N ASN A 214 -17.14 -64.24 -33.41
CA ASN A 214 -16.04 -64.77 -32.62
C ASN A 214 -14.81 -63.89 -32.63
N SER A 215 -14.34 -63.47 -33.80
CA SER A 215 -13.08 -62.75 -33.92
C SER A 215 -13.33 -61.27 -34.19
N TYR A 216 -12.69 -60.41 -33.39
CA TYR A 216 -12.80 -58.97 -33.52
C TYR A 216 -11.41 -58.38 -33.68
N THR A 217 -11.23 -57.51 -34.68
CA THR A 217 -9.92 -56.97 -35.02
C THR A 217 -9.98 -55.45 -35.09
N CYS A 218 -9.01 -54.80 -34.44
CA CYS A 218 -8.85 -53.35 -34.51
C CYS A 218 -7.64 -53.03 -35.38
N GLU A 219 -7.87 -52.42 -36.53
CA GLU A 219 -6.83 -52.12 -37.50
C GLU A 219 -6.62 -50.60 -37.56
N ALA A 220 -5.40 -50.16 -37.26
CA ALA A 220 -5.06 -48.74 -37.26
C ALA A 220 -4.12 -48.47 -38.44
N THR A 221 -4.50 -47.52 -39.29
CA THR A 221 -3.74 -47.17 -40.49
C THR A 221 -3.16 -45.77 -40.32
N HIS A 222 -1.88 -45.70 -39.96
CA HIS A 222 -1.17 -44.44 -39.84
C HIS A 222 -0.27 -44.25 -41.05
N LYS A 223 0.04 -42.98 -41.36
CA LYS A 223 0.84 -42.69 -42.55
C LYS A 223 2.25 -43.26 -42.45
N THR A 224 2.89 -43.12 -41.28
CA THR A 224 4.26 -43.62 -41.13
C THR A 224 4.29 -45.14 -41.05
N SER A 225 3.17 -45.78 -40.73
CA SER A 225 3.09 -47.23 -40.62
C SER A 225 2.46 -47.77 -41.91
N THR A 226 3.31 -48.08 -42.89
CA THR A 226 2.87 -48.64 -44.16
C THR A 226 2.04 -49.91 -43.98
N SER A 227 2.57 -50.87 -43.23
CA SER A 227 1.78 -52.04 -42.84
C SER A 227 0.95 -51.70 -41.61
N PRO A 228 -0.37 -51.81 -41.67
CA PRO A 228 -1.20 -51.40 -40.53
C PRO A 228 -0.96 -52.27 -39.31
N ILE A 229 -1.09 -51.66 -38.13
CA ILE A 229 -0.94 -52.37 -36.86
C ILE A 229 -2.27 -53.05 -36.54
N VAL A 230 -2.20 -54.34 -36.20
CA VAL A 230 -3.38 -55.16 -35.97
C VAL A 230 -3.33 -55.73 -34.56
N LYS A 231 -4.43 -55.57 -33.83
CA LYS A 231 -4.64 -56.23 -32.55
C LYS A 231 -6.02 -56.88 -32.59
N SER A 232 -6.09 -58.14 -32.14
CA SER A 232 -7.32 -58.91 -32.27
C SER A 232 -7.47 -59.85 -31.08
N PHE A 233 -8.68 -60.40 -30.95
CA PHE A 233 -8.96 -61.37 -29.90
C PHE A 233 -10.12 -62.25 -30.35
N ASN A 234 -10.27 -63.38 -29.67
CA ASN A 234 -11.37 -64.31 -29.89
C ASN A 234 -12.19 -64.43 -28.61
N ARG A 235 -13.52 -64.36 -28.75
CA ARG A 235 -14.37 -64.36 -27.58
C ARG A 235 -14.49 -65.75 -26.95
N ASN A 236 -14.11 -66.81 -27.66
CA ASN A 236 -14.17 -68.14 -27.08
C ASN A 236 -13.19 -68.30 -25.93
N GLU A 237 -11.98 -67.77 -26.08
CA GLU A 237 -10.99 -67.76 -25.02
C GLU A 237 -11.14 -66.58 -24.08
N CYS A 238 -11.98 -65.61 -24.42
CA CYS A 238 -12.16 -64.42 -23.60
C CYS A 238 -13.61 -64.30 -23.12
N GLU B 20 -3.70 -11.33 -2.27
CA GLU B 20 -3.84 -11.49 -3.71
C GLU B 20 -5.25 -11.20 -4.17
N VAL B 21 -5.41 -10.87 -5.44
CA VAL B 21 -6.71 -10.56 -6.02
C VAL B 21 -7.28 -11.83 -6.66
N GLN B 22 -8.51 -12.16 -6.32
CA GLN B 22 -9.13 -13.40 -6.79
C GLN B 22 -10.58 -13.13 -7.15
N LEU B 23 -11.11 -13.98 -8.03
CA LEU B 23 -12.52 -13.99 -8.39
C LEU B 23 -13.01 -15.43 -8.40
N GLN B 24 -14.12 -15.70 -7.73
CA GLN B 24 -14.68 -17.04 -7.63
C GLN B 24 -16.14 -17.00 -8.04
N GLN B 25 -16.55 -17.96 -8.87
CA GLN B 25 -17.90 -18.02 -9.41
C GLN B 25 -18.68 -19.16 -8.77
N SER B 26 -19.89 -19.37 -9.26
CA SER B 26 -20.77 -20.41 -8.76
C SER B 26 -20.45 -21.74 -9.45
N GLY B 27 -21.32 -22.74 -9.27
CA GLY B 27 -21.17 -24.01 -9.93
C GLY B 27 -21.97 -24.09 -11.22
N ALA B 28 -21.91 -25.26 -11.84
CA ALA B 28 -22.63 -25.48 -13.09
C ALA B 28 -24.13 -25.47 -12.85
N GLU B 29 -24.86 -24.94 -13.84
CA GLU B 29 -26.30 -24.76 -13.74
C GLU B 29 -26.98 -25.53 -14.86
N LEU B 30 -27.95 -26.35 -14.50
CA LEU B 30 -28.81 -27.03 -15.47
C LEU B 30 -30.21 -26.48 -15.31
N VAL B 31 -30.76 -25.92 -16.39
CA VAL B 31 -32.07 -25.28 -16.39
C VAL B 31 -32.90 -25.86 -17.53
N ARG B 32 -34.10 -25.32 -17.69
CA ARG B 32 -35.03 -25.72 -18.72
C ARG B 32 -35.39 -24.52 -19.59
N PRO B 33 -35.76 -24.74 -20.86
CA PRO B 33 -36.12 -23.61 -21.72
C PRO B 33 -37.33 -22.85 -21.18
N GLY B 34 -37.29 -21.53 -21.32
CA GLY B 34 -38.32 -20.66 -20.79
C GLY B 34 -38.09 -20.20 -19.37
N SER B 35 -37.08 -20.71 -18.69
CA SER B 35 -36.79 -20.36 -17.31
C SER B 35 -35.68 -19.30 -17.28
N SER B 36 -35.22 -18.98 -16.08
CA SER B 36 -34.18 -17.99 -15.88
C SER B 36 -33.19 -18.48 -14.84
N VAL B 37 -31.93 -18.05 -14.97
CA VAL B 37 -30.87 -18.46 -14.07
C VAL B 37 -30.11 -17.21 -13.63
N LYS B 38 -29.48 -17.28 -12.47
CA LYS B 38 -28.77 -16.15 -11.88
C LYS B 38 -27.36 -16.58 -11.50
N ILE B 39 -26.37 -16.11 -12.24
CA ILE B 39 -24.97 -16.44 -12.02
C ILE B 39 -24.37 -15.40 -11.09
N SER B 40 -23.49 -15.86 -10.20
CA SER B 40 -22.82 -15.00 -9.24
C SER B 40 -21.31 -15.10 -9.40
N CYS B 41 -20.61 -14.05 -8.97
CA CYS B 41 -19.15 -14.02 -9.05
C CYS B 41 -18.65 -13.01 -8.02
N LYS B 42 -17.97 -13.51 -6.98
CA LYS B 42 -17.50 -12.68 -5.88
C LYS B 42 -15.99 -12.69 -5.81
N GLY B 43 -15.43 -11.61 -5.28
CA GLY B 43 -13.99 -11.44 -5.25
C GLY B 43 -13.49 -11.06 -3.87
N SER B 44 -12.19 -11.27 -3.68
CA SER B 44 -11.54 -11.03 -2.40
C SER B 44 -10.13 -10.50 -2.63
N GLY B 45 -9.60 -9.82 -1.62
CA GLY B 45 -8.27 -9.27 -1.67
C GLY B 45 -8.17 -7.82 -2.09
N TYR B 46 -9.30 -7.16 -2.33
CA TYR B 46 -9.30 -5.77 -2.79
C TYR B 46 -10.63 -5.14 -2.38
N VAL B 47 -10.76 -3.85 -2.68
CA VAL B 47 -12.00 -3.11 -2.42
C VAL B 47 -12.95 -3.39 -3.58
N PHE B 48 -14.00 -4.17 -3.33
CA PHE B 48 -14.89 -4.64 -4.38
C PHE B 48 -15.69 -3.51 -5.02
N SER B 49 -15.89 -2.39 -4.32
CA SER B 49 -16.74 -1.32 -4.82
C SER B 49 -16.03 -0.37 -5.77
N ASN B 50 -14.73 -0.50 -5.95
CA ASN B 50 -13.95 0.43 -6.77
C ASN B 50 -13.52 -0.17 -8.10
N TYR B 51 -14.05 -1.32 -8.49
CA TYR B 51 -13.60 -2.04 -9.69
C TYR B 51 -14.75 -2.19 -10.67
N TRP B 52 -14.41 -2.64 -11.88
CA TRP B 52 -15.38 -2.99 -12.90
C TRP B 52 -15.34 -4.50 -13.15
N MET B 53 -16.47 -5.06 -13.59
CA MET B 53 -16.55 -6.44 -14.02
C MET B 53 -17.13 -6.48 -15.43
N ASN B 54 -16.72 -7.50 -16.21
CA ASN B 54 -16.90 -7.43 -17.66
C ASN B 54 -17.70 -8.55 -18.28
N TRP B 55 -17.90 -9.68 -17.60
CA TRP B 55 -18.91 -10.68 -17.97
C TRP B 55 -18.81 -11.12 -19.44
N VAL B 56 -17.74 -11.83 -19.74
CA VAL B 56 -17.52 -12.39 -21.07
C VAL B 56 -18.28 -13.72 -21.19
N LYS B 57 -18.62 -14.10 -22.42
CA LYS B 57 -19.32 -15.34 -22.72
C LYS B 57 -18.61 -16.10 -23.83
N GLN B 58 -18.49 -17.42 -23.68
CA GLN B 58 -17.83 -18.25 -24.68
C GLN B 58 -18.70 -19.47 -24.99
N ARG B 59 -19.13 -19.58 -26.25
CA ARG B 59 -19.93 -20.72 -26.68
C ARG B 59 -19.07 -21.98 -26.76
N PRO B 60 -19.69 -23.15 -26.66
CA PRO B 60 -18.90 -24.41 -26.63
C PRO B 60 -18.02 -24.63 -27.85
N GLY B 61 -18.41 -24.13 -29.02
CA GLY B 61 -17.61 -24.34 -30.21
C GLY B 61 -17.24 -23.08 -30.95
N GLN B 62 -17.36 -21.93 -30.28
CA GLN B 62 -17.08 -20.65 -30.91
C GLN B 62 -16.15 -19.80 -30.07
N GLY B 63 -15.99 -18.53 -30.44
CA GLY B 63 -15.11 -17.62 -29.73
C GLY B 63 -15.81 -16.87 -28.62
N LEU B 64 -15.08 -15.92 -28.04
CA LEU B 64 -15.57 -15.16 -26.90
C LEU B 64 -16.51 -14.04 -27.35
N GLU B 65 -17.25 -13.51 -26.39
CA GLU B 65 -18.24 -12.47 -26.68
C GLU B 65 -18.49 -11.66 -25.41
N TRP B 66 -18.65 -10.35 -25.57
CA TRP B 66 -18.74 -9.41 -24.48
C TRP B 66 -20.20 -9.05 -24.20
N ILE B 67 -20.58 -9.05 -22.93
CA ILE B 67 -21.96 -8.82 -22.51
C ILE B 67 -22.15 -7.41 -21.95
N GLY B 68 -21.39 -7.03 -20.93
CA GLY B 68 -21.58 -5.72 -20.35
C GLY B 68 -20.66 -5.49 -19.17
N GLN B 69 -20.88 -4.35 -18.50
CA GLN B 69 -20.08 -3.92 -17.37
C GLN B 69 -20.97 -3.49 -16.22
N ILE B 70 -20.37 -3.37 -15.04
CA ILE B 70 -21.04 -2.78 -13.88
C ILE B 70 -19.99 -2.23 -12.92
N TYR B 71 -20.30 -1.08 -12.33
CA TYR B 71 -19.50 -0.50 -11.25
C TYR B 71 -20.28 -0.66 -9.96
N PRO B 72 -19.87 -1.55 -9.05
CA PRO B 72 -20.68 -1.79 -7.85
C PRO B 72 -20.75 -0.61 -6.89
N GLY B 73 -19.85 0.37 -7.00
CA GLY B 73 -19.87 1.48 -6.07
C GLY B 73 -21.14 2.32 -6.19
N ASP B 74 -21.65 2.50 -7.40
CA ASP B 74 -22.85 3.28 -7.61
C ASP B 74 -23.89 2.63 -8.52
N GLY B 75 -23.50 1.68 -9.37
CA GLY B 75 -24.44 0.99 -10.21
C GLY B 75 -24.46 1.42 -11.67
N ASP B 76 -23.34 1.86 -12.22
CA ASP B 76 -23.27 2.30 -13.61
C ASP B 76 -22.94 1.10 -14.49
N THR B 77 -23.76 0.89 -15.53
CA THR B 77 -23.64 -0.29 -16.37
C THR B 77 -23.57 0.10 -17.84
N ASN B 78 -22.93 -0.77 -18.63
CA ASN B 78 -22.94 -0.71 -20.07
C ASN B 78 -23.37 -2.07 -20.60
N TYR B 79 -23.91 -2.09 -21.82
CA TYR B 79 -24.41 -3.33 -22.40
C TYR B 79 -23.99 -3.44 -23.86
N ASN B 80 -24.01 -4.67 -24.37
CA ASN B 80 -23.58 -4.94 -25.74
C ASN B 80 -24.62 -4.52 -26.76
N GLY B 81 -25.89 -4.50 -26.39
CA GLY B 81 -26.94 -4.16 -27.32
C GLY B 81 -27.67 -5.38 -27.83
N LYS B 82 -26.91 -6.44 -28.13
CA LYS B 82 -27.52 -7.73 -28.44
C LYS B 82 -28.12 -8.37 -27.19
N PHE B 83 -27.49 -8.16 -26.04
CA PHE B 83 -27.87 -8.83 -24.80
C PHE B 83 -28.77 -7.97 -23.92
N LYS B 84 -29.22 -6.82 -24.40
CA LYS B 84 -30.18 -6.02 -23.65
C LYS B 84 -31.52 -6.75 -23.60
N GLY B 85 -32.07 -6.87 -22.40
CA GLY B 85 -33.25 -7.69 -22.17
C GLY B 85 -32.91 -9.11 -21.76
N LYS B 86 -31.90 -9.69 -22.42
CA LYS B 86 -31.45 -11.04 -22.06
C LYS B 86 -30.64 -11.03 -20.78
N ALA B 87 -29.75 -10.06 -20.59
CA ALA B 87 -28.82 -10.03 -19.48
C ALA B 87 -29.08 -8.81 -18.62
N THR B 88 -29.13 -9.02 -17.29
CA THR B 88 -29.30 -7.95 -16.32
C THR B 88 -28.20 -8.07 -15.27
N LEU B 89 -27.49 -6.97 -15.03
CA LEU B 89 -26.36 -6.96 -14.12
C LEU B 89 -26.71 -6.17 -12.86
N THR B 90 -26.47 -6.79 -11.70
CA THR B 90 -26.67 -6.16 -10.41
C THR B 90 -25.46 -6.43 -9.53
N ALA B 91 -25.40 -5.77 -8.38
CA ALA B 91 -24.25 -5.86 -7.49
C ALA B 91 -24.71 -5.85 -6.04
N ASP B 92 -23.77 -6.15 -5.14
CA ASP B 92 -24.06 -6.19 -3.70
C ASP B 92 -22.76 -5.87 -2.98
N LYS B 93 -22.63 -4.62 -2.53
CA LYS B 93 -21.39 -4.18 -1.90
C LYS B 93 -21.18 -4.83 -0.53
N SER B 94 -22.28 -5.06 0.21
CA SER B 94 -22.17 -5.54 1.58
C SER B 94 -21.56 -6.95 1.63
N SER B 95 -22.00 -7.84 0.75
CA SER B 95 -21.49 -9.20 0.71
C SER B 95 -20.34 -9.36 -0.28
N SER B 96 -19.97 -8.30 -1.00
CA SER B 96 -18.88 -8.31 -1.98
C SER B 96 -19.13 -9.35 -3.07
N THR B 97 -20.31 -9.26 -3.70
CA THR B 97 -20.75 -10.24 -4.68
C THR B 97 -21.54 -9.54 -5.78
N ALA B 98 -21.29 -9.93 -7.03
CA ALA B 98 -21.99 -9.40 -8.18
C ALA B 98 -22.77 -10.51 -8.87
N TYR B 99 -23.90 -10.14 -9.48
CA TYR B 99 -24.82 -11.11 -10.06
C TYR B 99 -25.11 -10.77 -11.52
N MET B 100 -25.42 -11.80 -12.29
CA MET B 100 -25.95 -11.64 -13.64
C MET B 100 -27.11 -12.59 -13.83
N GLN B 101 -28.23 -12.08 -14.33
CA GLN B 101 -29.43 -12.87 -14.54
C GLN B 101 -29.73 -12.97 -16.03
N LEU B 102 -29.87 -14.20 -16.53
CA LEU B 102 -30.27 -14.44 -17.89
C LEU B 102 -31.73 -14.90 -17.91
N SER B 103 -32.55 -14.28 -18.75
CA SER B 103 -33.99 -14.55 -18.75
C SER B 103 -34.42 -15.09 -20.10
N SER B 104 -35.53 -15.83 -20.08
CA SER B 104 -36.10 -16.51 -21.25
C SER B 104 -35.03 -17.32 -21.97
N LEU B 105 -34.51 -18.33 -21.26
CA LEU B 105 -33.37 -19.08 -21.75
C LEU B 105 -33.77 -20.03 -22.87
N THR B 106 -32.91 -20.15 -23.88
CA THR B 106 -33.10 -21.07 -24.98
C THR B 106 -31.87 -21.95 -25.17
N SER B 107 -31.82 -22.73 -26.26
CA SER B 107 -30.69 -23.62 -26.48
C SER B 107 -29.43 -22.86 -26.88
N GLU B 108 -29.58 -21.68 -27.49
CA GLU B 108 -28.43 -20.85 -27.85
C GLU B 108 -27.72 -20.27 -26.63
N ASP B 109 -28.34 -20.34 -25.46
CA ASP B 109 -27.80 -19.72 -24.26
C ASP B 109 -26.89 -20.66 -23.46
N SER B 110 -26.62 -21.85 -23.96
CA SER B 110 -25.68 -22.77 -23.32
C SER B 110 -24.26 -22.33 -23.66
N ALA B 111 -23.51 -21.90 -22.66
CA ALA B 111 -22.15 -21.40 -22.88
C ALA B 111 -21.43 -21.41 -21.54
N VAL B 112 -20.25 -20.80 -21.51
CA VAL B 112 -19.47 -20.61 -20.30
C VAL B 112 -19.30 -19.11 -20.07
N TYR B 113 -19.66 -18.64 -18.89
CA TYR B 113 -19.68 -17.22 -18.57
C TYR B 113 -18.58 -16.89 -17.58
N PHE B 114 -17.74 -15.93 -17.94
CA PHE B 114 -16.61 -15.51 -17.11
C PHE B 114 -16.90 -14.14 -16.50
N CYS B 115 -16.06 -13.78 -15.52
CA CYS B 115 -16.03 -12.44 -14.96
C CYS B 115 -14.58 -12.02 -14.83
N ALA B 116 -14.29 -10.76 -15.14
CA ALA B 116 -12.92 -10.28 -15.18
C ALA B 116 -12.84 -8.84 -14.68
N SER B 117 -11.65 -8.46 -14.23
CA SER B 117 -11.41 -7.11 -13.74
C SER B 117 -9.95 -6.75 -14.00
N GLY B 118 -9.66 -5.44 -13.89
CA GLY B 118 -8.32 -4.94 -14.06
C GLY B 118 -7.60 -4.76 -12.75
N TYR B 119 -6.27 -4.63 -12.82
CA TYR B 119 -5.46 -4.55 -11.61
C TYR B 119 -5.62 -3.21 -10.90
N LEU B 120 -5.92 -2.14 -11.64
CA LEU B 120 -6.14 -0.82 -11.06
C LEU B 120 -7.61 -0.43 -11.02
N GLY B 121 -8.52 -1.35 -11.34
CA GLY B 121 -9.92 -1.04 -11.33
C GLY B 121 -10.44 -0.37 -12.59
N GLU B 122 -9.80 -0.59 -13.73
CA GLU B 122 -10.17 0.03 -14.98
C GLU B 122 -11.15 -0.85 -15.75
N ASN B 123 -11.81 -0.26 -16.75
CA ASN B 123 -12.85 -0.94 -17.50
C ASN B 123 -12.44 -1.33 -18.92
N TYR B 124 -11.18 -1.10 -19.30
CA TYR B 124 -10.72 -1.46 -20.63
C TYR B 124 -9.72 -2.61 -20.63
N VAL B 125 -9.19 -2.99 -19.48
CA VAL B 125 -8.24 -4.11 -19.38
C VAL B 125 -8.83 -5.15 -18.44
N MET B 126 -8.73 -6.42 -18.84
CA MET B 126 -9.13 -7.56 -18.01
C MET B 126 -7.87 -8.32 -17.63
N ASP B 127 -7.46 -8.21 -16.37
CA ASP B 127 -6.20 -8.78 -15.89
C ASP B 127 -6.38 -10.11 -15.18
N PHE B 128 -7.34 -10.23 -14.27
CA PHE B 128 -7.62 -11.50 -13.60
C PHE B 128 -9.06 -11.91 -13.86
N TRP B 129 -9.26 -13.22 -14.08
CA TRP B 129 -10.52 -13.78 -14.53
C TRP B 129 -11.10 -14.73 -13.48
N GLY B 130 -12.35 -15.13 -13.69
CA GLY B 130 -12.96 -16.18 -12.92
C GLY B 130 -12.84 -17.52 -13.64
N GLN B 131 -13.05 -18.59 -12.87
CA GLN B 131 -12.78 -19.93 -13.41
C GLN B 131 -13.79 -20.32 -14.47
N GLY B 132 -14.99 -19.74 -14.45
CA GLY B 132 -16.01 -20.03 -15.43
C GLY B 132 -17.21 -20.76 -14.88
N THR B 133 -18.38 -20.54 -15.46
CA THR B 133 -19.61 -21.19 -15.04
C THR B 133 -20.32 -21.73 -16.27
N SER B 134 -20.60 -23.03 -16.28
CA SER B 134 -21.24 -23.68 -17.42
C SER B 134 -22.75 -23.75 -17.19
N VAL B 135 -23.51 -23.31 -18.18
CA VAL B 135 -24.96 -23.31 -18.14
C VAL B 135 -25.48 -24.25 -19.22
N THR B 136 -26.33 -25.19 -18.84
CA THR B 136 -26.93 -26.14 -19.77
C THR B 136 -28.43 -25.93 -19.79
N VAL B 137 -28.98 -25.71 -20.99
CA VAL B 137 -30.41 -25.46 -21.16
C VAL B 137 -30.97 -26.66 -21.93
N SER B 138 -31.55 -27.61 -21.21
CA SER B 138 -32.14 -28.78 -21.84
C SER B 138 -33.22 -29.36 -20.93
N SER B 139 -34.12 -30.13 -21.54
CA SER B 139 -35.21 -30.76 -20.82
C SER B 139 -34.87 -32.16 -20.34
N ALA B 140 -33.70 -32.69 -20.70
CA ALA B 140 -33.33 -34.04 -20.28
C ALA B 140 -32.98 -34.06 -18.80
N LYS B 141 -33.38 -35.13 -18.12
CA LYS B 141 -33.16 -35.28 -16.69
C LYS B 141 -31.78 -35.86 -16.42
N THR B 142 -31.28 -35.59 -15.20
CA THR B 142 -29.96 -36.06 -14.81
C THR B 142 -29.95 -37.58 -14.65
N THR B 143 -28.81 -38.18 -15.01
CA THR B 143 -28.62 -39.62 -14.94
C THR B 143 -27.25 -39.91 -14.35
N PRO B 144 -27.16 -40.79 -13.34
CA PRO B 144 -25.85 -41.15 -12.81
C PRO B 144 -25.07 -41.98 -13.81
N PRO B 145 -23.74 -41.94 -13.75
CA PRO B 145 -22.93 -42.72 -14.70
C PRO B 145 -22.88 -44.19 -14.33
N SER B 146 -22.42 -44.99 -15.30
CA SER B 146 -22.23 -46.43 -15.12
C SER B 146 -20.79 -46.75 -15.50
N VAL B 147 -19.99 -47.15 -14.53
CA VAL B 147 -18.56 -47.34 -14.71
C VAL B 147 -18.27 -48.83 -14.90
N TYR B 148 -17.58 -49.17 -15.99
CA TYR B 148 -17.17 -50.53 -16.27
C TYR B 148 -15.65 -50.58 -16.41
N PRO B 149 -14.97 -51.51 -15.74
CA PRO B 149 -13.52 -51.63 -15.92
C PRO B 149 -13.20 -52.23 -17.27
N LEU B 150 -11.99 -51.94 -17.75
CA LEU B 150 -11.48 -52.46 -19.02
C LEU B 150 -10.20 -53.23 -18.72
N ALA B 151 -10.32 -54.55 -18.58
CA ALA B 151 -9.15 -55.38 -18.31
C ALA B 151 -8.59 -55.94 -19.61
N PRO B 152 -7.27 -56.08 -19.71
CA PRO B 152 -6.67 -56.58 -20.95
C PRO B 152 -6.83 -58.09 -21.10
N GLY B 153 -7.99 -58.53 -21.58
CA GLY B 153 -8.27 -59.95 -21.70
C GLY B 153 -7.81 -60.60 -22.98
N SER B 154 -7.26 -59.83 -23.93
CA SER B 154 -6.87 -60.40 -25.22
C SER B 154 -5.68 -61.35 -25.07
N ALA B 155 -4.54 -60.84 -24.59
CA ALA B 155 -3.39 -61.67 -24.34
C ALA B 155 -2.68 -61.27 -23.05
N ALA B 156 -3.39 -60.64 -22.12
CA ALA B 156 -2.93 -60.15 -20.82
C ALA B 156 -1.98 -58.96 -20.94
N GLN B 157 -1.58 -58.58 -22.15
CA GLN B 157 -0.66 -57.46 -22.39
C GLN B 157 0.59 -57.56 -21.52
N THR B 158 1.26 -58.71 -21.59
CA THR B 158 2.44 -58.95 -20.77
C THR B 158 3.69 -58.37 -21.42
N ASN B 159 3.63 -57.11 -21.81
CA ASN B 159 4.78 -56.39 -22.34
C ASN B 159 5.48 -55.65 -21.20
N SER B 160 6.40 -54.75 -21.54
CA SER B 160 7.10 -53.97 -20.52
C SER B 160 6.14 -53.06 -19.77
N MET B 161 5.20 -52.45 -20.48
CA MET B 161 4.24 -51.52 -19.88
C MET B 161 2.83 -51.93 -20.31
N VAL B 162 2.05 -52.45 -19.35
CA VAL B 162 0.69 -52.87 -19.60
C VAL B 162 -0.24 -51.66 -19.50
N THR B 163 -1.22 -51.58 -20.40
CA THR B 163 -2.18 -50.49 -20.43
C THR B 163 -3.52 -50.95 -19.86
N LEU B 164 -4.20 -50.03 -19.18
CA LEU B 164 -5.47 -50.32 -18.53
C LEU B 164 -6.47 -49.22 -18.86
N GLY B 165 -7.76 -49.57 -18.82
CA GLY B 165 -8.81 -48.64 -19.17
C GLY B 165 -9.94 -48.64 -18.15
N CYS B 166 -10.84 -47.68 -18.30
CA CYS B 166 -11.98 -47.52 -17.39
C CYS B 166 -13.05 -46.73 -18.13
N LEU B 167 -14.16 -47.37 -18.45
CA LEU B 167 -15.18 -46.83 -19.33
C LEU B 167 -16.36 -46.29 -18.53
N VAL B 168 -16.72 -45.03 -18.78
CA VAL B 168 -17.85 -44.37 -18.13
C VAL B 168 -18.91 -44.11 -19.20
N LYS B 169 -20.10 -44.66 -19.02
CA LYS B 169 -21.12 -44.65 -20.06
C LYS B 169 -22.46 -44.19 -19.50
N GLY B 170 -23.15 -43.37 -20.28
CA GLY B 170 -24.51 -42.98 -19.96
C GLY B 170 -24.66 -42.09 -18.75
N TYR B 171 -24.20 -40.85 -18.83
CA TYR B 171 -24.36 -39.88 -17.75
C TYR B 171 -24.80 -38.55 -18.35
N PHE B 172 -25.48 -37.75 -17.51
CA PHE B 172 -25.99 -36.46 -17.94
C PHE B 172 -26.19 -35.60 -16.70
N PRO B 173 -25.79 -34.32 -16.71
CA PRO B 173 -25.06 -33.62 -17.78
C PRO B 173 -23.55 -33.64 -17.56
N GLU B 174 -22.82 -32.82 -18.31
CA GLU B 174 -21.39 -32.69 -18.12
C GLU B 174 -21.10 -31.94 -16.81
N PRO B 175 -19.92 -32.15 -16.22
CA PRO B 175 -18.86 -33.10 -16.59
C PRO B 175 -18.75 -34.26 -15.62
N VAL B 176 -17.77 -35.14 -15.86
CA VAL B 176 -17.40 -36.19 -14.92
C VAL B 176 -15.88 -36.21 -14.84
N THR B 177 -15.36 -36.59 -13.68
CA THR B 177 -13.91 -36.61 -13.45
C THR B 177 -13.48 -38.03 -13.14
N VAL B 178 -12.47 -38.51 -13.86
CA VAL B 178 -11.91 -39.85 -13.66
C VAL B 178 -10.48 -39.68 -13.19
N THR B 179 -10.21 -40.15 -11.97
CA THR B 179 -8.88 -40.12 -11.38
C THR B 179 -8.48 -41.53 -10.98
N TRP B 180 -7.18 -41.81 -11.05
CA TRP B 180 -6.64 -43.14 -10.80
C TRP B 180 -5.89 -43.16 -9.47
N ASN B 181 -6.31 -44.06 -8.58
CA ASN B 181 -5.70 -44.22 -7.26
C ASN B 181 -5.65 -42.89 -6.50
N SER B 182 -6.74 -42.13 -6.58
CA SER B 182 -6.89 -40.86 -5.88
C SER B 182 -5.78 -39.87 -6.24
N GLY B 183 -5.37 -39.89 -7.51
CA GLY B 183 -4.40 -38.94 -8.02
C GLY B 183 -2.94 -39.35 -7.90
N SER B 184 -2.64 -40.43 -7.18
CA SER B 184 -1.25 -40.86 -7.07
C SER B 184 -0.71 -41.37 -8.38
N LEU B 185 -1.53 -42.09 -9.14
CA LEU B 185 -1.13 -42.63 -10.45
C LEU B 185 -1.47 -41.60 -11.52
N SER B 186 -0.47 -40.84 -11.96
CA SER B 186 -0.67 -39.80 -12.96
C SER B 186 0.36 -39.87 -14.07
N SER B 187 0.97 -41.04 -14.29
CA SER B 187 1.98 -41.21 -15.34
C SER B 187 1.31 -41.80 -16.58
N GLY B 188 1.19 -40.98 -17.63
CA GLY B 188 0.59 -41.44 -18.86
C GLY B 188 -0.90 -41.71 -18.77
N VAL B 189 -1.65 -40.75 -18.24
CA VAL B 189 -3.11 -40.87 -18.13
C VAL B 189 -3.74 -40.02 -19.22
N HIS B 190 -4.52 -40.64 -20.10
CA HIS B 190 -5.18 -39.96 -21.21
C HIS B 190 -6.68 -40.04 -21.00
N THR B 191 -7.31 -38.89 -20.73
CA THR B 191 -8.76 -38.82 -20.59
C THR B 191 -9.34 -38.22 -21.87
N PHE B 192 -10.29 -38.93 -22.45
CA PHE B 192 -10.82 -38.58 -23.77
C PHE B 192 -12.11 -37.75 -23.63
N PRO B 193 -12.36 -36.87 -24.59
CA PRO B 193 -13.58 -36.05 -24.54
C PRO B 193 -14.84 -36.90 -24.67
N ALA B 194 -15.92 -36.40 -24.09
CA ALA B 194 -17.20 -37.10 -24.11
C ALA B 194 -17.89 -36.94 -25.45
N VAL B 195 -18.63 -37.97 -25.85
CA VAL B 195 -19.37 -38.00 -27.11
C VAL B 195 -20.85 -38.08 -26.79
N LEU B 196 -21.59 -37.05 -27.17
CA LEU B 196 -23.03 -37.04 -26.94
C LEU B 196 -23.73 -38.03 -27.88
N GLN B 197 -24.63 -38.82 -27.33
CA GLN B 197 -25.30 -39.87 -28.09
C GLN B 197 -26.66 -40.11 -27.46
N SER B 198 -27.72 -39.63 -28.12
CA SER B 198 -29.10 -39.76 -27.64
C SER B 198 -29.25 -39.20 -26.22
N ASP B 199 -28.72 -37.99 -26.03
CA ASP B 199 -28.78 -37.26 -24.74
C ASP B 199 -28.11 -38.05 -23.61
N LEU B 200 -27.06 -38.79 -23.93
CA LEU B 200 -26.30 -39.54 -22.93
C LEU B 200 -24.83 -39.51 -23.33
N TYR B 201 -23.99 -38.94 -22.48
CA TYR B 201 -22.58 -38.83 -22.78
C TYR B 201 -21.86 -40.16 -22.52
N THR B 202 -20.70 -40.31 -23.15
CA THR B 202 -19.86 -41.49 -22.98
C THR B 202 -18.41 -41.04 -22.95
N LEU B 203 -17.64 -41.54 -21.99
CA LEU B 203 -16.27 -41.11 -21.78
C LEU B 203 -15.40 -42.32 -21.48
N SER B 204 -14.12 -42.21 -21.82
CA SER B 204 -13.15 -43.25 -21.54
C SER B 204 -11.85 -42.62 -21.07
N SER B 205 -11.06 -43.39 -20.33
CA SER B 205 -9.74 -42.94 -19.91
C SER B 205 -8.82 -44.15 -19.85
N SER B 206 -7.53 -43.91 -20.06
CA SER B 206 -6.53 -44.96 -20.13
C SER B 206 -5.34 -44.60 -19.27
N VAL B 207 -4.70 -45.63 -18.71
CA VAL B 207 -3.48 -45.48 -17.94
C VAL B 207 -2.56 -46.66 -18.25
N THR B 208 -1.26 -46.41 -18.23
CA THR B 208 -0.25 -47.42 -18.51
C THR B 208 0.68 -47.56 -17.32
N VAL B 209 0.86 -48.81 -16.86
CA VAL B 209 1.68 -49.10 -15.69
C VAL B 209 2.68 -50.19 -16.05
N PRO B 210 3.80 -50.30 -15.35
CA PRO B 210 4.73 -51.42 -15.59
C PRO B 210 4.07 -52.75 -15.26
N SER B 211 4.53 -53.81 -15.95
CA SER B 211 3.95 -55.13 -15.75
C SER B 211 4.26 -55.71 -14.38
N SER B 212 5.24 -55.16 -13.66
CA SER B 212 5.52 -55.62 -12.31
C SER B 212 4.51 -55.08 -11.31
N THR B 213 4.00 -53.86 -11.54
CA THR B 213 3.06 -53.26 -10.59
C THR B 213 1.71 -53.96 -10.61
N TRP B 214 1.22 -54.33 -11.79
CA TRP B 214 -0.07 -54.96 -11.94
C TRP B 214 0.08 -56.35 -12.54
N PRO B 215 -0.62 -57.36 -12.03
CA PRO B 215 -1.65 -57.31 -10.96
C PRO B 215 -1.10 -57.46 -9.55
N SER B 216 0.15 -57.09 -9.27
CA SER B 216 0.64 -57.13 -7.90
C SER B 216 -0.11 -56.12 -7.04
N GLU B 217 -0.36 -54.93 -7.58
CA GLU B 217 -1.19 -53.91 -6.93
C GLU B 217 -2.33 -53.56 -7.88
N THR B 218 -3.55 -53.83 -7.46
CA THR B 218 -4.72 -53.54 -8.28
C THR B 218 -5.02 -52.05 -8.27
N VAL B 219 -5.17 -51.47 -9.46
CA VAL B 219 -5.43 -50.04 -9.60
C VAL B 219 -6.93 -49.78 -9.43
N THR B 220 -7.30 -48.51 -9.30
CA THR B 220 -8.70 -48.12 -9.11
C THR B 220 -8.93 -46.80 -9.83
N CYS B 221 -9.98 -46.73 -10.64
CA CYS B 221 -10.38 -45.48 -11.31
C CYS B 221 -11.54 -44.88 -10.52
N ASN B 222 -11.28 -43.75 -9.86
CA ASN B 222 -12.29 -43.06 -9.09
C ASN B 222 -13.07 -42.13 -10.02
N VAL B 223 -14.39 -42.29 -10.04
CA VAL B 223 -15.27 -41.50 -10.91
C VAL B 223 -16.22 -40.71 -10.03
N ALA B 224 -16.27 -39.40 -10.24
CA ALA B 224 -17.10 -38.50 -9.45
C ALA B 224 -18.00 -37.70 -10.37
N HIS B 225 -19.30 -37.82 -10.17
CA HIS B 225 -20.29 -37.05 -10.93
C HIS B 225 -20.99 -36.10 -9.97
N PRO B 226 -20.59 -34.82 -9.92
CA PRO B 226 -21.19 -33.91 -8.93
C PRO B 226 -22.62 -33.52 -9.24
N ALA B 227 -23.08 -33.67 -10.49
CA ALA B 227 -24.44 -33.27 -10.84
C ALA B 227 -25.47 -34.15 -10.14
N SER B 228 -25.19 -35.45 -10.01
CA SER B 228 -26.07 -36.37 -9.30
C SER B 228 -25.47 -36.88 -8.00
N SER B 229 -24.33 -36.33 -7.58
CA SER B 229 -23.62 -36.73 -6.36
C SER B 229 -23.34 -38.23 -6.34
N THR B 230 -22.62 -38.67 -7.38
CA THR B 230 -22.25 -40.07 -7.54
C THR B 230 -20.74 -40.21 -7.42
N LYS B 231 -20.28 -41.13 -6.57
CA LYS B 231 -18.87 -41.40 -6.40
C LYS B 231 -18.65 -42.91 -6.48
N VAL B 232 -17.90 -43.34 -7.49
CA VAL B 232 -17.66 -44.75 -7.75
C VAL B 232 -16.16 -45.02 -7.67
N ASP B 233 -15.79 -46.11 -7.01
CA ASP B 233 -14.39 -46.48 -6.88
C ASP B 233 -14.15 -47.88 -7.46
N LYS B 234 -14.63 -48.10 -8.68
CA LYS B 234 -14.48 -49.40 -9.34
C LYS B 234 -13.02 -49.78 -9.49
N LYS B 235 -12.70 -51.02 -9.14
CA LYS B 235 -11.34 -51.54 -9.22
C LYS B 235 -11.17 -52.43 -10.45
N ILE B 236 -9.92 -52.61 -10.85
CA ILE B 236 -9.58 -53.38 -12.05
C ILE B 236 -8.90 -54.67 -11.59
N VAL B 237 -9.42 -55.80 -12.05
CA VAL B 237 -8.87 -57.11 -11.74
C VAL B 237 -8.71 -57.89 -13.05
N PRO B 238 -7.80 -58.86 -13.12
CA PRO B 238 -7.67 -59.67 -14.34
C PRO B 238 -8.96 -60.44 -14.64
N ARG B 239 -9.23 -60.63 -15.93
CA ARG B 239 -10.41 -61.34 -16.39
C ARG B 239 -10.53 -62.73 -15.76
N ASP C 21 22.99 25.14 21.08
CA ASP C 21 21.94 24.33 21.69
C ASP C 21 20.80 25.21 22.17
N ILE C 22 19.66 25.15 21.47
CA ILE C 22 18.48 25.92 21.85
C ILE C 22 17.93 25.37 23.15
N VAL C 23 18.01 26.17 24.21
CA VAL C 23 17.54 25.75 25.52
C VAL C 23 16.04 26.03 25.64
N LEU C 24 15.27 25.01 26.01
CA LEU C 24 13.83 25.13 26.17
C LEU C 24 13.49 25.14 27.64
N THR C 25 12.77 26.18 28.08
CA THR C 25 12.39 26.35 29.48
C THR C 25 10.88 26.26 29.60
N GLN C 26 10.42 25.39 30.50
CA GLN C 26 9.00 25.18 30.72
C GLN C 26 8.53 25.90 31.98
N SER C 27 7.24 26.24 32.01
CA SER C 27 6.64 26.89 33.15
C SER C 27 5.18 26.43 33.21
N PRO C 28 4.69 25.98 34.38
CA PRO C 28 5.40 25.80 35.64
C PRO C 28 6.10 24.45 35.72
N ALA C 29 6.87 24.19 36.78
CA ALA C 29 7.47 22.87 36.96
C ALA C 29 6.50 21.87 37.57
N SER C 30 5.36 22.33 38.09
CA SER C 30 4.34 21.45 38.62
C SER C 30 3.00 22.15 38.49
N LEU C 31 1.96 21.39 38.15
CA LEU C 31 0.64 21.95 37.90
C LEU C 31 -0.42 21.09 38.56
N THR C 32 -1.36 21.75 39.25
CA THR C 32 -2.49 21.07 39.89
C THR C 32 -3.78 21.70 39.38
N VAL C 33 -4.61 20.89 38.73
CA VAL C 33 -5.86 21.35 38.13
C VAL C 33 -7.00 20.46 38.61
N SER C 34 -8.16 21.08 38.85
CA SER C 34 -9.32 20.31 39.25
C SER C 34 -9.85 19.50 38.08
N LEU C 35 -10.63 18.47 38.40
CA LEU C 35 -11.13 17.55 37.39
C LEU C 35 -12.23 18.25 36.58
N GLY C 36 -11.85 18.84 35.45
CA GLY C 36 -12.80 19.55 34.61
C GLY C 36 -12.27 20.86 34.07
N GLN C 37 -11.41 21.55 34.83
CA GLN C 37 -10.85 22.81 34.40
C GLN C 37 -9.79 22.57 33.31
N ARG C 38 -9.24 23.66 32.78
CA ARG C 38 -8.25 23.58 31.73
C ARG C 38 -6.84 23.75 32.29
N ALA C 39 -5.88 23.15 31.60
CA ALA C 39 -4.48 23.19 31.98
C ALA C 39 -3.66 23.81 30.86
N THR C 40 -2.77 24.73 31.21
CA THR C 40 -1.94 25.43 30.25
C THR C 40 -0.47 25.23 30.61
N ILE C 41 0.31 24.75 29.65
CA ILE C 41 1.75 24.51 29.82
C ILE C 41 2.50 25.34 28.80
N SER C 42 3.55 26.02 29.23
CA SER C 42 4.33 26.90 28.38
C SER C 42 5.72 26.34 28.15
N CYS C 43 6.32 26.69 27.02
CA CYS C 43 7.68 26.28 26.68
C CYS C 43 8.36 27.44 25.97
N ARG C 44 9.53 27.83 26.47
CA ARG C 44 10.29 28.93 25.90
C ARG C 44 11.33 28.39 24.93
N ALA C 45 12.22 29.26 24.46
CA ALA C 45 13.30 28.84 23.57
C ALA C 45 14.42 29.87 23.62
N SER C 46 15.66 29.39 23.56
CA SER C 46 16.81 30.29 23.55
C SER C 46 16.92 31.02 22.22
N GLU C 47 16.60 30.35 21.12
CA GLU C 47 16.64 30.96 19.79
C GLU C 47 15.30 30.78 19.08
N SER C 48 15.24 31.10 17.80
CA SER C 48 14.03 30.93 17.02
C SER C 48 13.99 29.51 16.47
N VAL C 49 12.89 28.80 16.75
CA VAL C 49 12.76 27.42 16.28
C VAL C 49 12.20 27.33 14.87
N ASP C 50 11.72 28.43 14.32
CA ASP C 50 11.08 28.43 13.01
C ASP C 50 12.13 28.28 11.91
N SER C 51 12.08 27.17 11.19
CA SER C 51 12.88 26.92 10.01
C SER C 51 12.22 27.57 8.81
N PHE C 52 12.60 27.15 7.59
CA PHE C 52 12.11 27.78 6.36
C PHE C 52 10.63 27.43 6.21
N GLY C 53 9.79 28.15 6.95
CA GLY C 53 8.36 27.97 6.90
C GLY C 53 7.78 26.91 7.82
N ASN C 54 8.59 26.29 8.68
CA ASN C 54 8.12 25.25 9.56
C ASN C 54 8.51 25.56 10.99
N SER C 55 7.70 25.09 11.95
CA SER C 55 7.92 25.43 13.35
C SER C 55 8.87 24.45 14.04
N PHE C 56 8.62 23.15 13.87
CA PHE C 56 9.44 22.08 14.45
C PHE C 56 9.43 22.13 15.98
N MET C 57 8.23 22.08 16.55
CA MET C 57 8.04 21.99 17.99
C MET C 57 7.08 20.84 18.28
N HIS C 58 7.48 19.93 19.17
CA HIS C 58 6.71 18.73 19.45
C HIS C 58 6.46 18.61 20.95
N TRP C 59 5.34 17.99 21.30
CA TRP C 59 4.96 17.78 22.69
C TRP C 59 4.74 16.29 22.94
N TYR C 60 5.22 15.82 24.10
CA TYR C 60 5.17 14.40 24.45
C TYR C 60 4.48 14.23 25.79
N GLN C 61 3.97 13.02 26.01
CA GLN C 61 3.39 12.61 27.28
C GLN C 61 4.01 11.30 27.71
N GLN C 62 4.51 11.22 28.94
CA GLN C 62 5.16 10.02 29.45
C GLN C 62 4.57 9.64 30.80
N LYS C 63 3.82 8.55 30.83
CA LYS C 63 3.38 7.95 32.08
C LYS C 63 4.52 7.12 32.67
N PRO C 64 4.52 6.91 34.00
CA PRO C 64 5.62 6.17 34.63
C PRO C 64 5.75 4.76 34.06
N GLY C 65 6.99 4.36 33.77
CA GLY C 65 7.26 3.03 33.27
C GLY C 65 6.92 2.79 31.82
N GLN C 66 6.72 3.85 31.03
CA GLN C 66 6.33 3.73 29.64
C GLN C 66 7.14 4.71 28.80
N PRO C 67 7.36 4.41 27.51
CA PRO C 67 8.02 5.36 26.63
C PRO C 67 7.16 6.57 26.35
N PRO C 68 7.74 7.69 25.96
CA PRO C 68 6.94 8.89 25.67
C PRO C 68 5.99 8.68 24.51
N LYS C 69 4.90 9.44 24.52
CA LYS C 69 3.87 9.36 23.49
C LYS C 69 3.69 10.73 22.87
N LEU C 70 3.82 10.81 21.54
CA LEU C 70 3.69 12.08 20.84
C LEU C 70 2.25 12.57 20.85
N LEU C 71 2.07 13.86 21.11
CA LEU C 71 0.76 14.49 21.09
C LEU C 71 0.62 15.49 19.96
N ILE C 72 1.51 16.47 19.87
CA ILE C 72 1.47 17.54 18.88
C ILE C 72 2.79 17.56 18.14
N TYR C 73 2.75 17.69 16.81
CA TYR C 73 3.97 17.82 16.02
C TYR C 73 3.90 19.07 15.17
N ARG C 74 5.05 19.76 15.07
CA ARG C 74 5.17 21.05 14.38
C ARG C 74 4.23 22.10 14.98
N ALA C 75 4.04 22.00 16.30
CA ALA C 75 3.47 23.05 17.16
C ALA C 75 1.98 23.27 16.97
N SER C 76 1.38 22.71 15.94
CA SER C 76 -0.06 22.84 15.78
C SER C 76 -0.76 21.53 15.49
N ASN C 77 -0.13 20.63 14.74
CA ASN C 77 -0.81 19.46 14.21
C ASN C 77 -1.00 18.39 15.29
N LEU C 78 -2.21 17.85 15.36
CA LEU C 78 -2.56 16.84 16.34
C LEU C 78 -2.22 15.45 15.82
N GLU C 79 -1.64 14.63 16.68
CA GLU C 79 -1.24 13.28 16.30
C GLU C 79 -2.47 12.39 16.11
N SER C 80 -2.38 11.48 15.15
CA SER C 80 -3.47 10.53 14.92
C SER C 80 -3.59 9.56 16.08
N GLY C 81 -4.82 9.30 16.49
CA GLY C 81 -5.08 8.46 17.64
C GLY C 81 -5.08 9.16 18.98
N ILE C 82 -4.84 10.47 18.99
CA ILE C 82 -4.82 11.26 20.22
C ILE C 82 -6.18 11.95 20.35
N PRO C 83 -6.81 11.94 21.53
CA PRO C 83 -8.09 12.61 21.70
C PRO C 83 -7.98 14.10 21.42
N ALA C 84 -9.06 14.66 20.88
CA ALA C 84 -9.09 16.04 20.43
C ALA C 84 -9.10 17.06 21.58
N ARG C 85 -8.97 16.62 22.83
CA ARG C 85 -8.91 17.55 23.95
C ARG C 85 -7.54 18.15 24.14
N PHE C 86 -6.54 17.73 23.38
CA PHE C 86 -5.22 18.32 23.38
C PHE C 86 -5.09 19.26 22.19
N SER C 87 -4.58 20.46 22.43
CA SER C 87 -4.37 21.42 21.35
C SER C 87 -3.15 22.27 21.66
N GLY C 88 -2.38 22.60 20.61
CA GLY C 88 -1.20 23.39 20.77
C GLY C 88 -1.20 24.59 19.85
N SER C 89 -0.43 25.60 20.22
CA SER C 89 -0.35 26.85 19.48
C SER C 89 1.06 27.41 19.65
N GLY C 90 1.25 28.64 19.19
CA GLY C 90 2.51 29.35 19.37
C GLY C 90 3.35 29.34 18.10
N SER C 91 4.34 30.22 18.10
CA SER C 91 5.25 30.36 16.97
C SER C 91 6.53 31.02 17.46
N ARG C 92 7.57 30.95 16.63
CA ARG C 92 8.88 31.54 16.90
C ARG C 92 9.48 31.01 18.19
N THR C 93 9.27 31.73 19.29
CA THR C 93 9.85 31.37 20.59
C THR C 93 8.80 30.94 21.61
N ASP C 94 7.63 31.55 21.63
CA ASP C 94 6.59 31.23 22.60
C ASP C 94 5.71 30.11 22.07
N PHE C 95 5.56 29.03 22.85
CA PHE C 95 4.71 27.90 22.50
C PHE C 95 3.89 27.50 23.72
N THR C 96 2.74 26.88 23.47
CA THR C 96 1.79 26.58 24.53
C THR C 96 1.01 25.32 24.19
N LEU C 97 0.80 24.47 25.19
CA LEU C 97 -0.06 23.29 25.10
C LEU C 97 -1.23 23.45 26.06
N THR C 98 -2.42 23.08 25.59
CA THR C 98 -3.64 23.26 26.38
C THR C 98 -4.44 21.96 26.41
N ILE C 99 -4.90 21.58 27.60
CA ILE C 99 -5.80 20.46 27.79
C ILE C 99 -7.06 21.03 28.44
N ASN C 100 -8.08 21.33 27.64
CA ASN C 100 -9.23 22.05 28.17
C ASN C 100 -10.11 21.18 29.07
N PRO C 101 -10.67 20.04 28.61
CA PRO C 101 -11.36 19.14 29.56
C PRO C 101 -10.45 18.05 30.14
N VAL C 102 -9.68 18.40 31.18
CA VAL C 102 -8.79 17.42 31.79
C VAL C 102 -9.58 16.30 32.43
N GLU C 103 -8.97 15.12 32.48
CA GLU C 103 -9.59 13.93 33.05
C GLU C 103 -8.57 13.24 33.95
N ALA C 104 -9.04 12.24 34.70
CA ALA C 104 -8.20 11.56 35.67
C ALA C 104 -7.06 10.78 35.04
N ASP C 105 -7.17 10.43 33.75
CA ASP C 105 -6.15 9.66 33.06
C ASP C 105 -5.01 10.53 32.53
N ASP C 106 -5.09 11.85 32.69
CA ASP C 106 -4.10 12.76 32.13
C ASP C 106 -2.94 13.04 33.08
N VAL C 107 -2.77 12.22 34.13
CA VAL C 107 -1.67 12.42 35.08
C VAL C 107 -0.40 11.86 34.46
N ALA C 108 0.51 12.75 34.07
CA ALA C 108 1.77 12.36 33.45
C ALA C 108 2.71 13.56 33.48
N THR C 109 3.84 13.44 32.78
CA THR C 109 4.81 14.51 32.64
C THR C 109 4.90 14.88 31.16
N TYR C 110 4.91 16.18 30.88
CA TYR C 110 4.84 16.69 29.51
C TYR C 110 6.14 17.40 29.16
N TYR C 111 6.68 17.09 28.00
CA TYR C 111 7.94 17.64 27.52
C TYR C 111 7.71 18.35 26.18
N CYS C 112 8.59 19.32 25.88
CA CYS C 112 8.64 19.97 24.58
C CYS C 112 10.00 19.69 23.95
N GLN C 113 10.02 19.47 22.65
CA GLN C 113 11.24 19.16 21.92
C GLN C 113 11.33 20.00 20.65
N GLN C 114 12.55 20.35 20.27
CA GLN C 114 12.82 21.04 19.02
C GLN C 114 13.66 20.16 18.12
N SER C 115 13.44 20.28 16.81
CA SER C 115 14.18 19.52 15.81
C SER C 115 14.85 20.40 14.77
N SER C 116 14.91 21.72 14.99
CA SER C 116 15.45 22.63 13.99
C SER C 116 16.96 22.45 13.84
N GLU C 117 17.69 22.46 14.95
CA GLU C 117 19.13 22.29 14.91
C GLU C 117 19.51 20.83 15.08
N ASP C 118 20.76 20.51 14.79
CA ASP C 118 21.18 19.11 14.80
C ASP C 118 21.11 18.46 16.18
N PRO C 119 21.64 19.05 17.28
CA PRO C 119 21.42 18.42 18.60
C PRO C 119 20.02 18.72 19.11
N TYR C 120 19.16 17.72 19.07
CA TYR C 120 17.79 17.90 19.52
C TYR C 120 17.76 18.01 21.03
N THR C 121 16.99 18.96 21.53
CA THR C 121 16.92 19.23 22.96
C THR C 121 15.49 19.08 23.44
N PHE C 122 15.34 18.61 24.68
CA PHE C 122 14.04 18.44 25.33
C PHE C 122 13.83 19.52 26.38
N GLY C 123 12.59 19.66 26.81
CA GLY C 123 12.26 20.57 27.88
C GLY C 123 12.53 19.97 29.25
N GLY C 124 12.33 20.79 30.28
CA GLY C 124 12.58 20.34 31.64
C GLY C 124 11.58 19.29 32.10
N GLY C 125 10.32 19.45 31.74
CA GLY C 125 9.28 18.54 32.17
C GLY C 125 8.33 19.24 33.14
N THR C 126 7.03 18.98 32.98
CA THR C 126 6.00 19.58 33.82
C THR C 126 5.08 18.47 34.31
N LYS C 127 5.16 18.16 35.59
CA LYS C 127 4.31 17.13 36.18
C LYS C 127 2.92 17.70 36.44
N LEU C 128 1.90 16.97 36.01
CA LEU C 128 0.51 17.40 36.16
C LEU C 128 -0.13 16.62 37.29
N GLU C 129 -0.62 17.34 38.31
CA GLU C 129 -1.37 16.76 39.41
C GLU C 129 -2.84 17.13 39.27
N ILE C 130 -3.70 16.41 39.97
CA ILE C 130 -5.14 16.58 39.87
C ILE C 130 -5.72 16.76 41.26
N LYS C 131 -6.54 17.80 41.43
CA LYS C 131 -7.15 18.11 42.71
C LYS C 131 -8.51 17.43 42.83
N ARG C 132 -8.85 16.99 44.04
CA ARG C 132 -10.12 16.33 44.31
C ARG C 132 -10.43 16.51 45.79
N ALA C 133 -11.44 15.78 46.26
CA ALA C 133 -11.85 15.87 47.67
C ALA C 133 -10.85 15.14 48.55
N ASP C 134 -10.76 15.59 49.80
CA ASP C 134 -9.86 14.97 50.77
C ASP C 134 -10.41 13.61 51.21
N ALA C 135 -9.50 12.68 51.47
CA ALA C 135 -9.87 11.34 51.92
C ALA C 135 -8.95 10.94 53.06
N ALA C 136 -9.41 9.99 53.86
CA ALA C 136 -8.64 9.55 55.01
C ALA C 136 -7.93 8.24 54.73
N PRO C 137 -6.76 8.02 55.33
CA PRO C 137 -6.03 6.77 55.10
C PRO C 137 -6.68 5.59 55.81
N THR C 138 -6.30 4.40 55.38
CA THR C 138 -6.76 3.14 55.96
C THR C 138 -5.54 2.44 56.55
N VAL C 139 -5.32 2.63 57.85
CA VAL C 139 -4.10 2.19 58.50
C VAL C 139 -4.17 0.69 58.78
N SER C 140 -3.06 -0.02 58.52
CA SER C 140 -2.96 -1.44 58.78
C SER C 140 -1.57 -1.76 59.32
N ILE C 141 -1.52 -2.44 60.46
CA ILE C 141 -0.26 -2.80 61.12
C ILE C 141 -0.05 -4.29 60.99
N PHE C 142 1.21 -4.70 60.80
CA PHE C 142 1.54 -6.10 60.57
C PHE C 142 2.72 -6.52 61.44
N PRO C 143 2.61 -7.62 62.18
CA PRO C 143 3.71 -8.09 63.02
C PRO C 143 4.77 -8.79 62.18
N PRO C 144 5.99 -8.94 62.69
CA PRO C 144 7.00 -9.71 61.97
C PRO C 144 6.61 -11.18 61.86
N SER C 145 7.01 -11.81 60.75
CA SER C 145 6.66 -13.20 60.52
C SER C 145 7.69 -14.13 61.16
N SER C 146 7.28 -15.40 61.31
CA SER C 146 8.16 -16.39 61.91
C SER C 146 9.39 -16.66 61.04
N GLU C 147 9.22 -16.61 59.72
CA GLU C 147 10.37 -16.77 58.83
C GLU C 147 11.37 -15.63 59.02
N GLN C 148 10.88 -14.40 59.15
CA GLN C 148 11.76 -13.26 59.41
C GLN C 148 12.46 -13.42 60.75
N LEU C 149 11.73 -13.85 61.78
CA LEU C 149 12.33 -14.00 63.10
C LEU C 149 13.40 -15.09 63.12
N THR C 150 13.15 -16.22 62.44
CA THR C 150 14.14 -17.28 62.41
C THR C 150 15.29 -16.98 61.45
N SER C 151 15.10 -16.07 60.50
CA SER C 151 16.22 -15.59 59.71
C SER C 151 17.10 -14.63 60.50
N GLY C 152 16.50 -13.85 61.39
CA GLY C 152 17.28 -13.01 62.28
C GLY C 152 16.82 -11.57 62.39
N GLY C 153 16.04 -11.11 61.41
CA GLY C 153 15.52 -9.75 61.42
C GLY C 153 14.12 -9.66 62.01
N ALA C 154 13.64 -8.43 62.11
CA ALA C 154 12.28 -8.16 62.57
C ALA C 154 11.86 -6.81 62.00
N SER C 155 11.04 -6.83 60.95
CA SER C 155 10.60 -5.62 60.28
C SER C 155 9.08 -5.51 60.39
N VAL C 156 8.61 -4.53 61.15
CA VAL C 156 7.18 -4.23 61.23
C VAL C 156 6.81 -3.27 60.11
N VAL C 157 5.67 -3.52 59.47
CA VAL C 157 5.25 -2.79 58.29
C VAL C 157 3.87 -2.19 58.55
N CYS C 158 3.71 -0.91 58.23
CA CYS C 158 2.44 -0.20 58.37
C CYS C 158 2.04 0.37 57.01
N PHE C 159 0.83 0.05 56.56
CA PHE C 159 0.31 0.49 55.28
C PHE C 159 -0.71 1.60 55.46
N LEU C 160 -0.61 2.64 54.63
CA LEU C 160 -1.59 3.72 54.58
C LEU C 160 -2.11 3.80 53.15
N ASN C 161 -3.40 3.52 52.96
CA ASN C 161 -3.97 3.33 51.64
C ASN C 161 -5.07 4.35 51.36
N ASN C 162 -5.08 4.86 50.12
CA ASN C 162 -6.19 5.61 49.54
C ASN C 162 -6.52 6.88 50.36
N PHE C 163 -5.55 7.80 50.37
CA PHE C 163 -5.74 9.09 51.01
C PHE C 163 -5.36 10.21 50.05
N TYR C 164 -6.00 11.36 50.24
CA TYR C 164 -5.69 12.59 49.52
C TYR C 164 -5.80 13.73 50.52
N PRO C 165 -4.88 14.70 50.49
CA PRO C 165 -3.70 14.85 49.61
C PRO C 165 -2.46 14.11 50.10
N LYS C 166 -1.30 14.50 49.59
CA LYS C 166 -0.03 13.84 49.91
C LYS C 166 0.54 14.28 51.26
N ASP C 167 -0.07 15.27 51.91
CA ASP C 167 0.42 15.77 53.19
C ASP C 167 0.08 14.77 54.29
N ILE C 168 1.07 13.97 54.68
CA ILE C 168 0.90 12.99 55.75
C ILE C 168 2.25 12.73 56.39
N ASN C 169 2.22 12.35 57.67
CA ASN C 169 3.43 11.98 58.39
C ASN C 169 3.10 10.89 59.39
N VAL C 170 4.08 10.04 59.67
CA VAL C 170 3.91 8.88 60.53
C VAL C 170 4.90 8.96 61.68
N LYS C 171 4.43 8.65 62.89
CA LYS C 171 5.26 8.60 64.08
C LYS C 171 5.34 7.16 64.56
N TRP C 172 6.56 6.63 64.66
CA TRP C 172 6.79 5.25 65.07
C TRP C 172 7.22 5.24 66.53
N LYS C 173 6.24 5.17 67.43
CA LYS C 173 6.51 5.08 68.85
C LYS C 173 6.39 3.63 69.32
N ILE C 174 7.36 3.19 70.12
CA ILE C 174 7.39 1.83 70.66
C ILE C 174 7.43 1.94 72.18
N ASP C 175 6.47 1.30 72.84
CA ASP C 175 6.31 1.35 74.30
C ASP C 175 6.23 2.79 74.80
N GLY C 176 5.62 3.67 74.01
CA GLY C 176 5.51 5.07 74.34
C GLY C 176 6.72 5.90 74.00
N SER C 177 7.77 5.32 73.45
CA SER C 177 9.01 6.02 73.11
C SER C 177 9.18 6.07 71.60
N GLU C 178 9.45 7.27 71.08
CA GLU C 178 9.60 7.45 69.64
C GLU C 178 10.86 6.78 69.13
N ARG C 179 10.78 6.24 67.91
CA ARG C 179 11.90 5.63 67.23
C ARG C 179 12.15 6.35 65.91
N GLN C 180 13.39 6.79 65.69
CA GLN C 180 13.75 7.54 64.50
C GLN C 180 14.74 6.82 63.61
N ASN C 181 15.09 5.58 63.91
CA ASN C 181 16.10 4.83 63.16
C ASN C 181 15.46 3.65 62.46
N GLY C 182 15.84 3.44 61.20
CA GLY C 182 15.35 2.31 60.45
C GLY C 182 13.95 2.46 59.88
N VAL C 183 13.51 3.68 59.61
CA VAL C 183 12.18 3.94 59.08
C VAL C 183 12.32 4.34 57.62
N LEU C 184 11.59 3.64 56.74
CA LEU C 184 11.63 3.86 55.31
C LEU C 184 10.22 4.07 54.79
N ASN C 185 9.95 5.24 54.25
CA ASN C 185 8.64 5.60 53.72
C ASN C 185 8.69 5.59 52.20
N SER C 186 7.66 5.02 51.58
CA SER C 186 7.61 4.88 50.12
C SER C 186 6.22 5.22 49.62
N TRP C 187 6.10 6.37 48.94
CA TRP C 187 4.84 6.77 48.34
C TRP C 187 4.65 6.09 47.00
N THR C 188 3.40 6.09 46.53
CA THR C 188 3.06 5.60 45.21
C THR C 188 2.67 6.75 44.30
N ASP C 189 2.63 6.48 43.00
CA ASP C 189 2.15 7.46 42.05
C ASP C 189 0.65 7.68 42.24
N GLN C 190 0.18 8.85 41.83
CA GLN C 190 -1.25 9.13 41.89
C GLN C 190 -2.00 8.22 40.93
N ASP C 191 -3.12 7.68 41.39
CA ASP C 191 -3.86 6.70 40.63
C ASP C 191 -4.53 7.35 39.42
N SER C 192 -4.71 6.55 38.37
CA SER C 192 -5.37 7.01 37.15
C SER C 192 -6.86 6.75 37.14
N LYS C 193 -7.41 6.25 38.25
CA LYS C 193 -8.84 5.96 38.36
C LYS C 193 -9.53 6.86 39.36
N ASP C 194 -9.05 6.90 40.60
CA ASP C 194 -9.64 7.77 41.62
C ASP C 194 -8.72 8.89 42.06
N SER C 195 -7.48 8.93 41.56
CA SER C 195 -6.53 10.02 41.81
C SER C 195 -6.19 10.15 43.29
N THR C 196 -5.84 9.03 43.92
CA THR C 196 -5.50 8.98 45.33
C THR C 196 -4.14 8.32 45.51
N TYR C 197 -3.55 8.53 46.67
CA TYR C 197 -2.19 8.10 46.97
C TYR C 197 -2.19 6.88 47.89
N SER C 198 -0.99 6.44 48.25
CA SER C 198 -0.78 5.38 49.22
C SER C 198 0.66 5.46 49.71
N MET C 199 0.92 4.84 50.86
CA MET C 199 2.25 4.87 51.44
C MET C 199 2.44 3.66 52.35
N SER C 200 3.69 3.26 52.54
CA SER C 200 4.05 2.20 53.49
C SER C 200 5.31 2.61 54.23
N SER C 201 5.26 2.58 55.55
CA SER C 201 6.43 2.87 56.38
C SER C 201 6.83 1.60 57.13
N THR C 202 8.10 1.21 56.97
CA THR C 202 8.62 -0.01 57.56
C THR C 202 9.68 0.34 58.60
N LEU C 203 9.62 -0.31 59.75
CA LEU C 203 10.60 -0.14 60.82
C LEU C 203 11.39 -1.43 60.96
N THR C 204 12.71 -1.34 60.84
CA THR C 204 13.59 -2.50 60.82
C THR C 204 14.27 -2.66 62.18
N LEU C 205 14.16 -3.84 62.75
CA LEU C 205 14.79 -4.18 64.03
C LEU C 205 15.46 -5.54 63.91
N THR C 206 16.32 -5.84 64.88
CA THR C 206 16.86 -7.17 65.03
C THR C 206 15.91 -8.00 65.89
N LYS C 207 16.25 -9.29 66.07
CA LYS C 207 15.38 -10.16 66.86
C LYS C 207 15.41 -9.79 68.33
N ASP C 208 16.60 -9.51 68.87
CA ASP C 208 16.71 -9.21 70.30
C ASP C 208 16.03 -7.88 70.64
N GLU C 209 16.21 -6.86 69.79
CA GLU C 209 15.56 -5.57 70.04
C GLU C 209 14.04 -5.70 69.96
N TYR C 210 13.54 -6.50 69.02
CA TYR C 210 12.11 -6.74 68.93
C TYR C 210 11.57 -7.46 70.15
N GLU C 211 12.32 -8.45 70.66
CA GLU C 211 11.82 -9.25 71.78
C GLU C 211 11.80 -8.47 73.08
N ARG C 212 12.66 -7.47 73.23
CA ARG C 212 12.73 -6.74 74.50
C ARG C 212 11.45 -5.95 74.76
N HIS C 213 10.99 -5.18 73.78
CA HIS C 213 9.80 -4.37 73.94
C HIS C 213 8.56 -5.19 73.63
N ASN C 214 7.40 -4.64 74.02
CA ASN C 214 6.15 -5.39 73.96
C ASN C 214 5.10 -4.74 73.06
N SER C 215 4.89 -3.44 73.16
CA SER C 215 3.82 -2.75 72.45
C SER C 215 4.39 -1.91 71.31
N TYR C 216 3.81 -2.06 70.12
CA TYR C 216 4.22 -1.32 68.93
C TYR C 216 3.00 -0.61 68.35
N THR C 217 3.15 0.67 68.04
CA THR C 217 2.03 1.49 67.58
C THR C 217 2.42 2.25 66.33
N CYS C 218 1.53 2.24 65.34
CA CYS C 218 1.68 3.02 64.11
C CYS C 218 0.70 4.16 64.15
N GLU C 219 1.20 5.39 64.19
CA GLU C 219 0.38 6.59 64.32
C GLU C 219 0.52 7.43 63.05
N ALA C 220 -0.61 7.70 62.39
CA ALA C 220 -0.64 8.46 61.16
C ALA C 220 -1.50 9.70 61.33
N THR C 221 -1.00 10.85 60.89
CA THR C 221 -1.70 12.12 61.02
C THR C 221 -1.92 12.72 59.64
N HIS C 222 -3.19 12.90 59.27
CA HIS C 222 -3.58 13.51 58.01
C HIS C 222 -4.27 14.84 58.29
N LYS C 223 -4.18 15.77 57.34
CA LYS C 223 -4.75 17.10 57.55
C LYS C 223 -6.27 17.07 57.69
N THR C 224 -6.94 16.03 57.18
CA THR C 224 -8.40 15.98 57.24
C THR C 224 -8.92 15.54 58.60
N SER C 225 -8.07 15.01 59.48
CA SER C 225 -8.49 14.55 60.79
C SER C 225 -7.59 15.16 61.85
N THR C 226 -8.20 15.82 62.84
CA THR C 226 -7.42 16.39 63.93
C THR C 226 -6.94 15.32 64.90
N SER C 227 -7.66 14.20 65.00
CA SER C 227 -7.25 13.10 65.85
C SER C 227 -6.59 12.02 65.01
N PRO C 228 -5.30 11.72 65.23
CA PRO C 228 -4.62 10.74 64.37
C PRO C 228 -5.19 9.35 64.52
N ILE C 229 -5.11 8.59 63.43
CA ILE C 229 -5.54 7.19 63.43
C ILE C 229 -4.42 6.34 63.98
N VAL C 230 -4.74 5.45 64.92
CA VAL C 230 -3.76 4.63 65.61
C VAL C 230 -4.13 3.16 65.43
N LYS C 231 -3.15 2.36 65.03
CA LYS C 231 -3.26 0.90 65.01
C LYS C 231 -2.06 0.33 65.75
N SER C 232 -2.31 -0.60 66.67
CA SER C 232 -1.25 -1.11 67.53
C SER C 232 -1.45 -2.60 67.75
N PHE C 233 -0.41 -3.24 68.29
CA PHE C 233 -0.46 -4.65 68.63
C PHE C 233 0.52 -4.91 69.75
N ASN C 234 0.41 -6.11 70.34
CA ASN C 234 1.30 -6.55 71.40
C ASN C 234 1.91 -7.89 71.05
N ARG C 235 3.08 -8.17 71.61
CA ARG C 235 3.73 -9.45 71.35
C ARG C 235 3.11 -10.58 72.16
N ASN C 236 2.43 -10.27 73.28
CA ASN C 236 1.79 -11.31 74.07
C ASN C 236 0.68 -11.98 73.28
N GLU C 237 -0.15 -11.19 72.59
CA GLU C 237 -1.18 -11.77 71.74
C GLU C 237 -0.58 -12.33 70.46
N CYS C 238 0.46 -11.70 69.93
CA CYS C 238 1.10 -12.14 68.71
C CYS C 238 2.32 -13.01 69.02
N GLU D 20 1.24 -3.43 11.17
CA GLU D 20 1.61 -2.78 12.42
C GLU D 20 3.12 -2.65 12.53
N VAL D 21 3.59 -1.44 12.72
CA VAL D 21 5.02 -1.15 12.86
C VAL D 21 5.38 -1.24 14.34
N GLN D 22 6.49 -1.92 14.64
CA GLN D 22 6.91 -2.14 16.02
C GLN D 22 8.42 -2.09 16.13
N LEU D 23 8.90 -1.85 17.35
CA LEU D 23 10.31 -1.92 17.70
C LEU D 23 10.45 -2.68 19.00
N GLN D 24 11.41 -3.59 19.07
CA GLN D 24 11.64 -4.40 20.26
C GLN D 24 13.11 -4.37 20.63
N GLN D 25 13.40 -4.12 21.90
CA GLN D 25 14.77 -3.98 22.37
C GLN D 25 15.20 -5.25 23.11
N SER D 26 16.39 -5.19 23.72
CA SER D 26 16.95 -6.30 24.46
C SER D 26 16.47 -6.25 25.91
N GLY D 27 17.07 -7.07 26.77
CA GLY D 27 16.76 -7.06 28.18
C GLY D 27 17.68 -6.15 28.98
N ALA D 28 17.46 -6.13 30.29
CA ALA D 28 18.27 -5.32 31.17
C ALA D 28 19.70 -5.83 31.22
N GLU D 29 20.64 -4.91 31.42
CA GLU D 29 22.07 -5.22 31.42
C GLU D 29 22.70 -4.74 32.71
N LEU D 30 23.46 -5.62 33.36
CA LEU D 30 24.27 -5.26 34.51
C LEU D 30 25.74 -5.41 34.13
N VAL D 31 26.50 -4.32 34.23
CA VAL D 31 27.89 -4.29 33.82
C VAL D 31 28.73 -3.67 34.93
N ARG D 32 30.01 -3.97 34.90
CA ARG D 32 31.00 -3.38 35.81
C ARG D 32 31.54 -2.09 35.23
N PRO D 33 32.00 -1.16 36.08
CA PRO D 33 32.62 0.06 35.57
C PRO D 33 33.90 -0.24 34.79
N GLY D 34 34.12 0.53 33.74
CA GLY D 34 35.25 0.33 32.86
C GLY D 34 35.02 -0.64 31.72
N SER D 35 33.88 -1.31 31.68
CA SER D 35 33.55 -2.25 30.63
C SER D 35 32.70 -1.57 29.56
N SER D 36 32.18 -2.35 28.62
CA SER D 36 31.35 -1.84 27.55
C SER D 36 30.15 -2.75 27.35
N VAL D 37 29.05 -2.17 26.88
CA VAL D 37 27.81 -2.90 26.64
C VAL D 37 27.31 -2.55 25.26
N LYS D 38 26.51 -3.45 24.68
CA LYS D 38 25.99 -3.29 23.32
C LYS D 38 24.49 -3.53 23.33
N ILE D 39 23.72 -2.46 23.20
CA ILE D 39 22.27 -2.51 23.19
C ILE D 39 21.79 -2.73 21.76
N SER D 40 20.72 -3.49 21.59
CA SER D 40 20.14 -3.78 20.29
C SER D 40 18.67 -3.39 20.27
N CYS D 41 18.16 -3.13 19.07
CA CYS D 41 16.77 -2.74 18.88
C CYS D 41 16.37 -3.06 17.45
N LYS D 42 15.47 -4.03 17.27
CA LYS D 42 15.06 -4.49 15.96
C LYS D 42 13.57 -4.24 15.75
N GLY D 43 13.18 -4.07 14.49
CA GLY D 43 11.82 -3.71 14.15
C GLY D 43 11.24 -4.63 13.09
N SER D 44 9.91 -4.62 13.02
CA SER D 44 9.18 -5.48 12.10
C SER D 44 7.94 -4.73 11.59
N GLY D 45 7.45 -5.18 10.44
CA GLY D 45 6.28 -4.60 9.83
C GLY D 45 6.55 -3.53 8.78
N TYR D 46 7.81 -3.25 8.47
CA TYR D 46 8.16 -2.22 7.51
C TYR D 46 9.53 -2.55 6.93
N VAL D 47 9.95 -1.74 5.95
CA VAL D 47 11.28 -1.88 5.36
C VAL D 47 12.28 -1.20 6.30
N PHE D 48 13.12 -2.01 6.95
CA PHE D 48 14.01 -1.49 7.98
C PHE D 48 15.10 -0.59 7.43
N SER D 49 15.44 -0.71 6.15
CA SER D 49 16.56 0.03 5.58
C SER D 49 16.19 1.44 5.14
N ASN D 50 14.92 1.82 5.21
CA ASN D 50 14.46 3.12 4.71
C ASN D 50 14.06 4.07 5.83
N TYR D 51 14.41 3.79 7.08
CA TYR D 51 13.96 4.57 8.22
C TYR D 51 15.17 5.11 8.98
N TRP D 52 14.89 6.00 9.93
CA TRP D 52 15.88 6.53 10.86
C TRP D 52 15.55 6.09 12.27
N MET D 53 16.58 5.83 13.08
CA MET D 53 16.42 5.57 14.51
C MET D 53 17.15 6.64 15.31
N ASN D 54 16.63 6.95 16.49
CA ASN D 54 17.00 8.19 17.17
C ASN D 54 17.63 8.03 18.56
N TRP D 55 17.47 6.91 19.25
CA TRP D 55 18.30 6.55 20.39
C TRP D 55 18.30 7.62 21.49
N VAL D 56 17.16 7.77 22.14
CA VAL D 56 16.99 8.70 23.26
C VAL D 56 17.46 8.03 24.54
N LYS D 57 17.87 8.84 25.52
CA LYS D 57 18.35 8.38 26.82
C LYS D 57 17.63 9.13 27.93
N GLN D 58 17.22 8.42 28.98
CA GLN D 58 16.53 9.02 30.12
C GLN D 58 17.15 8.54 31.42
N ARG D 59 17.70 9.46 32.19
CA ARG D 59 18.27 9.13 33.48
C ARG D 59 17.19 8.81 34.49
N PRO D 60 17.50 8.05 35.55
CA PRO D 60 16.46 7.62 36.49
C PRO D 60 15.70 8.75 37.17
N GLY D 61 16.33 9.91 37.36
CA GLY D 61 15.65 11.01 38.03
C GLY D 61 15.48 12.25 37.18
N GLN D 62 16.21 12.32 36.06
CA GLN D 62 16.23 13.49 35.21
C GLN D 62 15.33 13.27 33.98
N GLY D 63 15.41 14.19 33.02
CA GLY D 63 14.62 14.13 31.81
C GLY D 63 15.33 13.41 30.68
N LEU D 64 14.75 13.54 29.49
CA LEU D 64 15.22 12.84 28.31
C LEU D 64 16.42 13.56 27.69
N GLU D 65 17.13 12.83 26.83
CA GLU D 65 18.35 13.35 26.20
C GLU D 65 18.60 12.58 24.91
N TRP D 66 19.06 13.29 23.89
CA TRP D 66 19.21 12.76 22.54
C TRP D 66 20.66 12.38 22.29
N ILE D 67 20.88 11.22 21.66
CA ILE D 67 22.22 10.68 21.42
C ILE D 67 22.63 10.83 19.95
N GLY D 68 21.85 10.26 19.04
CA GLY D 68 22.22 10.35 17.64
C GLY D 68 21.25 9.61 16.75
N GLN D 69 21.60 9.54 15.46
CA GLN D 69 20.77 8.92 14.43
C GLN D 69 21.59 7.95 13.61
N ILE D 70 20.89 7.11 12.85
CA ILE D 70 21.54 6.25 11.85
C ILE D 70 20.51 5.91 10.78
N TYR D 71 20.97 5.86 9.52
CA TYR D 71 20.19 5.38 8.40
C TYR D 71 20.75 4.02 7.99
N PRO D 72 20.06 2.91 8.26
CA PRO D 72 20.64 1.60 7.96
C PRO D 72 20.84 1.31 6.49
N GLY D 73 20.18 2.05 5.60
CA GLY D 73 20.34 1.77 4.18
C GLY D 73 21.75 1.99 3.66
N ASP D 74 22.43 3.01 4.17
CA ASP D 74 23.79 3.30 3.76
C ASP D 74 24.77 3.56 4.89
N GLY D 75 24.29 3.91 6.09
CA GLY D 75 25.16 4.13 7.23
C GLY D 75 25.47 5.57 7.55
N ASP D 76 24.52 6.49 7.37
CA ASP D 76 24.72 7.90 7.65
C ASP D 76 24.26 8.20 9.06
N THR D 77 25.14 8.80 9.87
CA THR D 77 24.89 9.01 11.28
C THR D 77 25.08 10.47 11.66
N ASN D 78 24.38 10.88 12.71
CA ASN D 78 24.58 12.15 13.39
C ASN D 78 24.78 11.90 14.87
N TYR D 79 25.44 12.81 15.56
CA TYR D 79 25.74 12.63 16.97
C TYR D 79 25.50 13.93 17.73
N ASN D 80 25.32 13.78 19.05
CA ASN D 80 25.00 14.92 19.90
C ASN D 80 26.22 15.79 20.18
N GLY D 81 27.42 15.20 20.19
CA GLY D 81 28.62 15.96 20.49
C GLY D 81 29.11 15.68 21.90
N LYS D 82 28.17 15.62 22.85
CA LYS D 82 28.51 15.15 24.19
C LYS D 82 28.79 13.66 24.19
N PHE D 83 28.00 12.90 23.45
CA PHE D 83 28.09 11.45 23.41
C PHE D 83 29.03 10.93 22.33
N LYS D 84 29.69 11.82 21.58
CA LYS D 84 30.63 11.38 20.58
C LYS D 84 31.85 10.75 21.27
N GLY D 85 32.20 9.55 20.84
CA GLY D 85 33.22 8.75 21.51
C GLY D 85 32.64 7.79 22.53
N LYS D 86 31.62 8.24 23.27
CA LYS D 86 30.93 7.38 24.21
C LYS D 86 30.00 6.39 23.50
N ALA D 87 29.26 6.86 22.49
CA ALA D 87 28.26 6.05 21.83
C ALA D 87 28.64 5.83 20.37
N THR D 88 28.49 4.59 19.91
CA THR D 88 28.76 4.22 18.52
C THR D 88 27.56 3.49 17.97
N LEU D 89 27.04 3.97 16.84
CA LEU D 89 25.83 3.42 16.24
C LEU D 89 26.19 2.63 14.99
N THR D 90 25.68 1.40 14.92
CA THR D 90 25.87 0.54 13.76
C THR D 90 24.53 -0.12 13.41
N ALA D 91 24.47 -0.72 12.23
CA ALA D 91 23.23 -1.31 11.74
C ALA D 91 23.53 -2.62 11.03
N ASP D 92 22.49 -3.43 10.83
CA ASP D 92 22.59 -4.73 10.17
C ASP D 92 21.33 -4.92 9.34
N LYS D 93 21.43 -4.68 8.03
CA LYS D 93 20.26 -4.77 7.16
C LYS D 93 19.76 -6.20 7.03
N SER D 94 20.67 -7.18 7.00
CA SER D 94 20.28 -8.56 6.72
C SER D 94 19.39 -9.12 7.82
N SER D 95 19.74 -8.88 9.09
CA SER D 95 18.96 -9.37 10.22
C SER D 95 17.91 -8.37 10.69
N SER D 96 17.86 -7.18 10.08
CA SER D 96 16.90 -6.13 10.43
C SER D 96 17.03 -5.72 11.90
N THR D 97 18.26 -5.36 12.29
CA THR D 97 18.58 -5.07 13.68
C THR D 97 19.63 -3.97 13.73
N ALA D 98 19.45 -3.02 14.64
CA ALA D 98 20.38 -1.92 14.85
C ALA D 98 20.99 -2.01 16.24
N TYR D 99 22.24 -1.55 16.36
CA TYR D 99 23.00 -1.70 17.60
C TYR D 99 23.53 -0.34 18.05
N MET D 100 23.72 -0.21 19.36
CA MET D 100 24.42 0.92 19.97
C MET D 100 25.37 0.38 21.01
N GLN D 101 26.62 0.83 20.97
CA GLN D 101 27.65 0.39 21.90
C GLN D 101 28.11 1.56 22.75
N LEU D 102 28.05 1.39 24.06
CA LEU D 102 28.57 2.38 25.00
C LEU D 102 29.89 1.87 25.58
N SER D 103 30.91 2.70 25.56
CA SER D 103 32.25 2.28 25.98
C SER D 103 32.72 3.09 27.18
N SER D 104 33.64 2.49 27.93
CA SER D 104 34.19 3.06 29.17
C SER D 104 33.07 3.53 30.10
N LEU D 105 32.26 2.57 30.54
CA LEU D 105 31.05 2.88 31.28
C LEU D 105 31.38 3.29 32.72
N THR D 106 30.65 4.28 33.20
CA THR D 106 30.79 4.76 34.58
C THR D 106 29.42 4.76 35.27
N SER D 107 29.35 5.32 36.48
CA SER D 107 28.09 5.32 37.21
C SER D 107 27.09 6.30 36.62
N GLU D 108 27.57 7.34 35.93
CA GLU D 108 26.68 8.30 35.27
C GLU D 108 25.96 7.70 34.07
N ASP D 109 26.37 6.52 33.60
CA ASP D 109 25.83 5.90 32.41
C ASP D 109 24.66 4.98 32.69
N SER D 110 24.20 4.90 33.94
CA SER D 110 23.01 4.12 34.28
C SER D 110 21.77 4.92 33.90
N ALA D 111 20.99 4.41 32.96
CA ALA D 111 19.82 5.10 32.46
C ALA D 111 18.95 4.09 31.71
N VAL D 112 17.92 4.60 31.03
CA VAL D 112 17.05 3.80 30.17
C VAL D 112 17.17 4.34 28.75
N TYR D 113 17.48 3.47 27.81
CA TYR D 113 17.77 3.85 26.43
C TYR D 113 16.64 3.38 25.52
N PHE D 114 16.07 4.32 24.77
CA PHE D 114 14.96 4.04 23.86
C PHE D 114 15.45 4.10 22.41
N CYS D 115 14.62 3.56 21.52
CA CYS D 115 14.79 3.72 20.08
C CYS D 115 13.45 4.12 19.49
N ALA D 116 13.48 5.04 18.52
CA ALA D 116 12.25 5.59 17.97
C ALA D 116 12.42 5.85 16.47
N SER D 117 11.29 5.88 15.77
CA SER D 117 11.28 6.14 14.34
C SER D 117 9.98 6.83 13.97
N GLY D 118 9.95 7.40 12.76
CA GLY D 118 8.78 8.07 12.25
C GLY D 118 7.96 7.18 11.34
N TYR D 119 6.70 7.57 11.13
CA TYR D 119 5.78 6.73 10.35
C TYR D 119 6.14 6.70 8.88
N LEU D 120 6.70 7.79 8.34
CA LEU D 120 7.11 7.84 6.94
C LEU D 120 8.61 7.70 6.76
N GLY D 121 9.34 7.36 7.81
CA GLY D 121 10.78 7.21 7.72
C GLY D 121 11.59 8.48 7.86
N GLU D 122 11.04 9.51 8.49
CA GLU D 122 11.70 10.80 8.63
C GLU D 122 12.58 10.83 9.89
N ASN D 123 13.45 11.83 9.96
CA ASN D 123 14.41 11.93 11.05
C ASN D 123 14.10 13.05 12.03
N TYR D 124 13.00 13.77 11.86
CA TYR D 124 12.64 14.84 12.78
C TYR D 124 11.43 14.53 13.65
N VAL D 125 10.71 13.45 13.37
CA VAL D 125 9.55 13.05 14.15
C VAL D 125 9.77 11.62 14.66
N MET D 126 9.45 11.40 15.93
CA MET D 126 9.50 10.08 16.55
C MET D 126 8.07 9.66 16.86
N ASP D 127 7.54 8.71 16.09
CA ASP D 127 6.14 8.29 16.20
C ASP D 127 5.96 7.02 17.03
N PHE D 128 6.74 5.98 16.78
CA PHE D 128 6.68 4.77 17.58
C PHE D 128 8.02 4.50 18.24
N TRP D 129 7.96 3.99 19.47
CA TRP D 129 9.11 3.86 20.35
C TRP D 129 9.33 2.39 20.72
N GLY D 130 10.51 2.13 21.30
CA GLY D 130 10.76 0.86 21.94
C GLY D 130 10.47 0.91 23.44
N GLN D 131 10.34 -0.26 24.06
CA GLN D 131 9.91 -0.31 25.44
C GLN D 131 10.97 0.22 26.40
N GLY D 132 12.23 0.20 26.00
CA GLY D 132 13.31 0.72 26.81
C GLY D 132 14.20 -0.40 27.35
N THR D 133 15.48 -0.07 27.53
CA THR D 133 16.46 -1.01 28.05
C THR D 133 17.17 -0.36 29.23
N SER D 134 17.17 -1.01 30.38
CA SER D 134 17.79 -0.48 31.58
C SER D 134 19.20 -1.01 31.73
N VAL D 135 20.16 -0.11 31.95
CA VAL D 135 21.57 -0.46 32.11
C VAL D 135 22.00 -0.05 33.51
N THR D 136 22.58 -1.00 34.24
CA THR D 136 23.08 -0.76 35.58
C THR D 136 24.58 -0.96 35.60
N VAL D 137 25.31 0.05 36.06
CA VAL D 137 26.76 0.02 36.11
C VAL D 137 27.16 0.02 37.57
N SER D 138 27.42 -1.17 38.12
CA SER D 138 27.83 -1.30 39.51
C SER D 138 28.65 -2.57 39.68
N SER D 139 29.44 -2.59 40.75
CA SER D 139 30.28 -3.73 41.08
C SER D 139 29.61 -4.72 42.01
N ALA D 140 28.41 -4.42 42.49
CA ALA D 140 27.72 -5.32 43.41
C ALA D 140 27.20 -6.55 42.67
N LYS D 141 27.29 -7.70 43.33
CA LYS D 141 26.88 -8.97 42.73
C LYS D 141 25.38 -9.19 42.92
N THR D 142 24.81 -9.99 42.03
CA THR D 142 23.38 -10.26 42.06
C THR D 142 23.02 -11.11 43.28
N THR D 143 21.84 -10.84 43.84
CA THR D 143 21.35 -11.54 45.02
C THR D 143 19.89 -11.91 44.80
N PRO D 144 19.49 -13.15 45.05
CA PRO D 144 18.08 -13.51 44.92
C PRO D 144 17.26 -12.88 46.03
N PRO D 145 15.98 -12.62 45.80
CA PRO D 145 15.14 -12.01 46.84
C PRO D 145 14.74 -13.00 47.91
N SER D 146 14.25 -12.44 49.03
CA SER D 146 13.74 -13.22 50.15
C SER D 146 12.32 -12.74 50.44
N VAL D 147 11.35 -13.62 50.22
CA VAL D 147 9.93 -13.25 50.32
C VAL D 147 9.39 -13.69 51.66
N TYR D 148 8.80 -12.76 52.41
CA TYR D 148 8.20 -13.04 53.70
C TYR D 148 6.71 -12.71 53.65
N PRO D 149 5.83 -13.60 54.08
CA PRO D 149 4.41 -13.28 54.11
C PRO D 149 4.08 -12.26 55.20
N LEU D 150 3.02 -11.48 54.95
CA LEU D 150 2.51 -10.53 55.93
C LEU D 150 1.06 -10.88 56.21
N ALA D 151 0.74 -11.14 57.47
CA ALA D 151 -0.60 -11.53 57.88
C ALA D 151 -1.03 -10.72 59.10
N PRO D 152 -2.33 -10.43 59.23
CA PRO D 152 -2.81 -9.65 60.40
C PRO D 152 -2.86 -10.49 61.66
N GLY D 153 -1.70 -10.60 62.32
CA GLY D 153 -1.57 -11.45 63.48
C GLY D 153 -2.15 -10.90 64.77
N SER D 154 -2.63 -9.65 64.76
CA SER D 154 -3.17 -9.07 65.98
C SER D 154 -4.53 -9.66 66.32
N ALA D 155 -5.50 -9.50 65.41
CA ALA D 155 -6.82 -10.09 65.64
C ALA D 155 -7.48 -10.59 64.36
N ALA D 156 -6.71 -10.77 63.29
CA ALA D 156 -7.11 -11.20 61.95
C ALA D 156 -7.95 -10.16 61.21
N GLN D 157 -8.30 -9.05 61.85
CA GLN D 157 -9.01 -7.92 61.24
C GLN D 157 -10.25 -8.38 60.48
N THR D 158 -11.21 -8.92 61.23
CA THR D 158 -12.46 -9.43 60.65
C THR D 158 -13.46 -8.31 60.42
N ASN D 159 -13.01 -7.31 59.66
CA ASN D 159 -13.87 -6.21 59.22
C ASN D 159 -14.49 -6.53 57.87
N SER D 160 -15.01 -5.51 57.18
CA SER D 160 -15.64 -5.72 55.89
C SER D 160 -14.66 -6.28 54.87
N MET D 161 -13.45 -5.73 54.82
CA MET D 161 -12.43 -6.19 53.89
C MET D 161 -11.09 -6.31 54.61
N VAL D 162 -10.45 -7.46 54.49
CA VAL D 162 -9.17 -7.73 55.14
C VAL D 162 -8.04 -7.41 54.16
N THR D 163 -7.00 -6.76 54.66
CA THR D 163 -5.84 -6.42 53.85
C THR D 163 -4.74 -7.46 54.04
N LEU D 164 -3.97 -7.68 52.97
CA LEU D 164 -2.94 -8.71 52.94
C LEU D 164 -1.68 -8.15 52.30
N GLY D 165 -0.52 -8.48 52.89
CA GLY D 165 0.75 -8.00 52.39
C GLY D 165 1.68 -9.13 51.98
N CYS D 166 2.79 -8.74 51.35
CA CYS D 166 3.81 -9.69 50.90
C CYS D 166 5.10 -8.91 50.72
N LEU D 167 6.08 -9.16 51.58
CA LEU D 167 7.29 -8.34 51.67
C LEU D 167 8.45 -9.03 50.97
N VAL D 168 9.07 -8.31 50.04
CA VAL D 168 10.23 -8.79 49.29
C VAL D 168 11.44 -7.97 49.73
N LYS D 169 12.44 -8.63 50.28
CA LYS D 169 13.56 -7.95 50.92
C LYS D 169 14.89 -8.49 50.42
N GLY D 170 15.83 -7.58 50.18
CA GLY D 170 17.19 -7.96 49.85
C GLY D 170 17.39 -8.62 48.50
N TYR D 171 17.21 -7.86 47.43
CA TYR D 171 17.47 -8.36 46.08
C TYR D 171 18.26 -7.33 45.30
N PHE D 172 18.99 -7.80 44.29
CA PHE D 172 19.80 -6.94 43.45
C PHE D 172 20.04 -7.65 42.13
N PRO D 173 19.91 -6.95 40.99
CA PRO D 173 19.50 -5.55 40.82
C PRO D 173 18.00 -5.43 40.54
N GLU D 174 17.57 -4.24 40.12
CA GLU D 174 16.19 -4.04 39.72
C GLU D 174 15.92 -4.75 38.39
N PRO D 175 14.66 -5.12 38.12
CA PRO D 175 13.48 -5.03 38.98
C PRO D 175 13.02 -6.39 39.49
N VAL D 176 11.93 -6.41 40.25
CA VAL D 176 11.24 -7.63 40.63
C VAL D 176 9.75 -7.41 40.39
N THR D 177 9.05 -8.47 40.01
CA THR D 177 7.63 -8.38 39.70
C THR D 177 6.85 -9.19 40.73
N VAL D 178 5.88 -8.56 41.37
CA VAL D 178 5.04 -9.19 42.37
C VAL D 178 3.60 -9.17 41.86
N THR D 179 3.01 -10.36 41.70
CA THR D 179 1.64 -10.50 41.27
C THR D 179 0.93 -11.51 42.16
N TRP D 180 -0.39 -11.38 42.24
CA TRP D 180 -1.20 -12.18 43.16
C TRP D 180 -2.05 -13.15 42.37
N ASN D 181 -1.92 -14.44 42.67
CA ASN D 181 -2.68 -15.51 42.03
C ASN D 181 -2.54 -15.48 40.50
N SER D 182 -1.30 -15.30 40.06
CA SER D 182 -0.94 -15.32 38.63
C SER D 182 -1.72 -14.26 37.85
N GLY D 183 -1.96 -13.12 38.47
CA GLY D 183 -2.62 -12.01 37.81
C GLY D 183 -4.13 -12.04 37.81
N SER D 184 -4.75 -13.09 38.35
CA SER D 184 -6.21 -13.14 38.41
C SER D 184 -6.75 -12.09 39.37
N LEU D 185 -6.07 -11.87 40.49
CA LEU D 185 -6.46 -10.87 41.47
C LEU D 185 -5.64 -9.61 41.21
N SER D 186 -6.25 -8.65 40.52
CA SER D 186 -5.58 -7.40 40.16
C SER D 186 -6.42 -6.18 40.53
N SER D 187 -7.30 -6.33 41.52
CA SER D 187 -8.14 -5.24 42.00
C SER D 187 -7.77 -4.95 43.45
N GLY D 188 -7.27 -3.73 43.69
CA GLY D 188 -6.84 -3.35 45.02
C GLY D 188 -5.38 -3.60 45.32
N VAL D 189 -4.56 -3.88 44.30
CA VAL D 189 -3.15 -4.19 44.51
C VAL D 189 -2.36 -2.89 44.45
N HIS D 190 -1.56 -2.64 45.49
CA HIS D 190 -0.69 -1.46 45.56
C HIS D 190 0.75 -1.94 45.69
N THR D 191 1.53 -1.83 44.62
CA THR D 191 2.93 -2.22 44.65
C THR D 191 3.78 -0.96 44.83
N PHE D 192 4.59 -0.94 45.87
CA PHE D 192 5.34 0.23 46.28
C PHE D 192 6.74 0.23 45.65
N PRO D 193 7.29 1.40 45.38
CA PRO D 193 8.64 1.48 44.80
C PRO D 193 9.70 0.93 45.76
N ALA D 194 10.77 0.41 45.15
CA ALA D 194 11.86 -0.17 45.93
C ALA D 194 12.71 0.93 46.56
N VAL D 195 13.28 0.62 47.73
CA VAL D 195 14.13 1.54 48.48
C VAL D 195 15.53 0.94 48.54
N LEU D 196 16.49 1.60 47.91
CA LEU D 196 17.87 1.12 47.94
C LEU D 196 18.47 1.35 49.32
N GLN D 197 19.17 0.33 49.84
CA GLN D 197 19.76 0.40 51.16
C GLN D 197 20.94 -0.55 51.28
N SER D 198 22.15 0.00 51.38
CA SER D 198 23.39 -0.78 51.44
C SER D 198 23.50 -1.77 50.27
N ASP D 199 23.18 -1.27 49.07
CA ASP D 199 23.26 -2.03 47.82
C ASP D 199 22.32 -3.24 47.82
N LEU D 200 21.21 -3.16 48.54
CA LEU D 200 20.15 -4.16 48.46
C LEU D 200 18.81 -3.46 48.51
N TYR D 201 17.91 -3.85 47.61
CA TYR D 201 16.61 -3.23 47.51
C TYR D 201 15.60 -3.89 48.44
N THR D 202 14.49 -3.18 48.68
CA THR D 202 13.40 -3.68 49.52
C THR D 202 12.08 -3.18 48.93
N LEU D 203 11.13 -4.10 48.77
CA LEU D 203 9.85 -3.78 48.14
C LEU D 203 8.73 -4.43 48.91
N SER D 204 7.55 -3.80 48.87
CA SER D 204 6.35 -4.32 49.50
C SER D 204 5.17 -4.15 48.57
N SER D 205 4.17 -5.01 48.72
CA SER D 205 2.93 -4.91 47.97
C SER D 205 1.77 -5.34 48.85
N SER D 206 0.63 -4.69 48.67
CA SER D 206 -0.54 -4.93 49.50
C SER D 206 -1.75 -5.21 48.60
N VAL D 207 -2.57 -6.16 49.03
CA VAL D 207 -3.82 -6.48 48.35
C VAL D 207 -4.93 -6.55 49.40
N THR D 208 -6.16 -6.29 48.96
CA THR D 208 -7.32 -6.32 49.84
C THR D 208 -8.39 -7.20 49.23
N VAL D 209 -8.95 -8.10 50.05
CA VAL D 209 -9.94 -9.06 49.60
C VAL D 209 -11.13 -9.00 50.55
N PRO D 210 -12.31 -9.40 50.09
CA PRO D 210 -13.47 -9.48 50.99
C PRO D 210 -13.22 -10.49 52.10
N SER D 211 -13.82 -10.23 53.26
CA SER D 211 -13.62 -11.07 54.44
C SER D 211 -14.14 -12.49 54.22
N SER D 212 -15.10 -12.68 53.33
CA SER D 212 -15.59 -14.03 53.02
C SER D 212 -14.62 -14.80 52.13
N THR D 213 -13.88 -14.10 51.27
CA THR D 213 -12.97 -14.77 50.35
C THR D 213 -11.81 -15.42 51.09
N TRP D 214 -11.26 -14.75 52.10
CA TRP D 214 -10.11 -15.24 52.83
C TRP D 214 -10.47 -15.45 54.30
N PRO D 215 -10.04 -16.56 54.91
CA PRO D 215 -9.22 -17.65 54.36
C PRO D 215 -10.01 -18.78 53.72
N SER D 216 -11.11 -18.50 53.00
CA SER D 216 -11.79 -19.57 52.28
C SER D 216 -10.96 -20.04 51.09
N GLU D 217 -10.39 -19.11 50.33
CA GLU D 217 -9.52 -19.42 49.21
C GLU D 217 -8.12 -18.89 49.52
N THR D 218 -7.11 -19.73 49.30
CA THR D 218 -5.74 -19.37 49.62
C THR D 218 -5.17 -18.47 48.53
N VAL D 219 -4.72 -17.28 48.91
CA VAL D 219 -4.07 -16.36 47.98
C VAL D 219 -2.56 -16.60 48.01
N THR D 220 -1.89 -16.11 46.98
CA THR D 220 -0.45 -16.32 46.82
C THR D 220 0.14 -15.16 46.04
N CYS D 221 1.26 -14.62 46.54
CA CYS D 221 2.01 -13.60 45.83
C CYS D 221 3.15 -14.26 45.06
N ASN D 222 3.17 -14.08 43.74
CA ASN D 222 4.18 -14.68 42.88
C ASN D 222 5.28 -13.66 42.62
N VAL D 223 6.46 -13.92 43.16
CA VAL D 223 7.60 -13.01 43.04
C VAL D 223 8.58 -13.60 42.04
N ALA D 224 8.85 -12.86 40.97
CA ALA D 224 9.75 -13.31 39.91
C ALA D 224 10.91 -12.33 39.78
N HIS D 225 12.13 -12.85 39.94
CA HIS D 225 13.35 -12.06 39.77
C HIS D 225 14.11 -12.61 38.58
N PRO D 226 13.97 -12.01 37.39
CA PRO D 226 14.65 -12.57 36.21
C PRO D 226 16.16 -12.39 36.22
N ALA D 227 16.68 -11.42 36.99
CA ALA D 227 18.12 -11.18 36.99
C ALA D 227 18.89 -12.35 37.60
N SER D 228 18.30 -13.01 38.60
CA SER D 228 18.89 -14.18 39.21
C SER D 228 18.11 -15.46 38.90
N SER D 229 17.12 -15.39 38.00
CA SER D 229 16.28 -16.52 37.62
C SER D 229 15.60 -17.16 38.84
N THR D 230 15.07 -16.31 39.72
CA THR D 230 14.39 -16.75 40.93
C THR D 230 12.89 -16.59 40.75
N LYS D 231 12.15 -17.66 41.02
CA LYS D 231 10.69 -17.66 40.90
C LYS D 231 10.11 -18.25 42.19
N VAL D 232 9.49 -17.40 42.99
CA VAL D 232 8.94 -17.78 44.29
C VAL D 232 7.43 -17.64 44.26
N ASP D 233 6.73 -18.64 44.76
CA ASP D 233 5.28 -18.61 44.84
C ASP D 233 4.83 -18.74 46.29
N LYS D 234 5.44 -17.96 47.18
CA LYS D 234 5.11 -18.00 48.60
C LYS D 234 3.64 -17.66 48.82
N LYS D 235 2.98 -18.48 49.63
CA LYS D 235 1.56 -18.31 49.95
C LYS D 235 1.41 -17.89 51.41
N ILE D 236 0.50 -16.97 51.66
CA ILE D 236 0.28 -16.41 52.99
C ILE D 236 -0.80 -17.19 53.69
N VAL D 237 -0.63 -17.40 55.00
CA VAL D 237 -1.57 -18.19 55.79
C VAL D 237 -1.84 -17.48 57.11
N PRO D 238 -2.99 -17.76 57.72
CA PRO D 238 -3.26 -17.22 59.06
C PRO D 238 -2.28 -17.78 60.08
N ARG D 239 -2.04 -17.00 61.13
CA ARG D 239 -1.12 -17.38 62.20
C ARG D 239 -1.53 -18.68 62.88
N LEU E 17 12.08 64.69 -30.96
CA LEU E 17 12.67 63.36 -30.90
C LEU E 17 12.94 62.95 -29.45
N GLU E 18 13.30 63.94 -28.62
CA GLU E 18 13.55 63.66 -27.21
C GLU E 18 12.28 63.18 -26.51
N GLN E 19 11.13 63.72 -26.89
CA GLN E 19 9.86 63.22 -26.34
C GLN E 19 9.63 61.78 -26.77
N TRP E 20 9.90 61.45 -28.03
CA TRP E 20 9.70 60.08 -28.51
C TRP E 20 10.73 59.14 -27.92
N ASN E 21 11.94 59.64 -27.65
CA ASN E 21 12.97 58.78 -27.06
C ASN E 21 12.61 58.38 -25.64
N LEU E 22 12.00 59.29 -24.87
CA LEU E 22 11.55 58.95 -23.54
C LEU E 22 10.37 57.98 -23.59
N VAL E 23 9.46 58.17 -24.55
CA VAL E 23 8.32 57.27 -24.67
C VAL E 23 8.76 55.89 -25.11
N ILE E 24 9.66 55.81 -26.09
CA ILE E 24 10.19 54.51 -26.50
C ILE E 24 11.06 53.90 -25.41
N GLY E 25 11.58 54.72 -24.49
CA GLY E 25 12.27 54.16 -23.34
C GLY E 25 11.33 53.50 -22.37
N PHE E 26 10.20 54.16 -22.06
CA PHE E 26 9.20 53.56 -21.18
C PHE E 26 8.44 52.43 -21.86
N LEU E 27 8.40 52.44 -23.19
CA LEU E 27 7.76 51.35 -23.93
C LEU E 27 8.49 50.03 -23.70
N PHE E 28 9.83 50.06 -23.68
CA PHE E 28 10.60 48.84 -23.47
C PHE E 28 10.59 48.40 -22.02
N LEU E 29 10.42 49.34 -21.08
CA LEU E 29 10.41 48.98 -19.66
C LEU E 29 9.21 48.10 -19.33
N THR E 30 8.05 48.37 -19.92
CA THR E 30 6.90 47.50 -19.73
C THR E 30 7.14 46.14 -20.37
N TRP E 31 7.86 46.11 -21.49
CA TRP E 31 8.14 44.84 -22.17
C TRP E 31 9.07 43.96 -21.35
N ILE E 32 10.00 44.56 -20.60
CA ILE E 32 10.90 43.78 -19.76
C ILE E 32 10.13 43.18 -18.58
N CYS E 33 9.26 43.98 -17.96
CA CYS E 33 8.53 43.51 -16.78
C CYS E 33 7.60 42.36 -17.10
N LEU E 34 6.94 42.41 -18.26
CA LEU E 34 5.97 41.38 -18.60
C LEU E 34 6.64 40.04 -18.91
N LEU E 35 7.82 40.08 -19.52
CA LEU E 35 8.52 38.87 -19.91
C LEU E 35 9.38 38.27 -18.81
N GLN E 36 9.43 38.89 -17.63
CA GLN E 36 10.33 38.45 -16.59
C GLN E 36 9.61 38.15 -15.28
N PHE E 37 8.48 38.83 -15.04
CA PHE E 37 7.80 38.73 -13.76
C PHE E 37 6.32 38.37 -13.85
N ALA E 38 5.66 38.59 -14.99
CA ALA E 38 4.21 38.46 -15.08
C ALA E 38 3.83 37.00 -15.35
N TYR E 39 3.81 36.22 -14.28
CA TYR E 39 3.39 34.82 -14.34
C TYR E 39 2.46 34.52 -13.17
N ALA E 40 1.76 33.38 -13.28
CA ALA E 40 0.74 33.05 -12.30
C ALA E 40 1.35 32.72 -10.93
N ASN E 41 2.37 31.85 -10.91
CA ASN E 41 3.05 31.57 -9.66
C ASN E 41 3.95 32.73 -9.24
N ARG E 42 4.32 33.59 -10.18
CA ARG E 42 5.03 34.84 -9.90
C ARG E 42 3.98 35.91 -9.60
N ASN E 43 4.36 37.20 -9.66
CA ASN E 43 3.51 38.31 -9.29
C ASN E 43 2.15 38.29 -9.98
N ARG E 44 1.09 38.09 -9.19
CA ARG E 44 -0.26 37.98 -9.75
C ARG E 44 -0.80 39.33 -10.20
N PHE E 45 -0.38 40.42 -9.55
CA PHE E 45 -0.74 41.75 -10.01
C PHE E 45 -0.22 41.97 -11.43
N LEU E 46 1.05 41.62 -11.67
CA LEU E 46 1.60 41.74 -13.02
C LEU E 46 0.97 40.76 -13.99
N TYR E 47 0.53 39.60 -13.51
CA TYR E 47 -0.21 38.67 -14.37
C TYR E 47 -1.51 39.28 -14.86
N ILE E 48 -2.26 39.91 -13.95
CA ILE E 48 -3.51 40.58 -14.34
C ILE E 48 -3.21 41.74 -15.29
N ILE E 49 -2.14 42.50 -15.03
CA ILE E 49 -1.76 43.59 -15.92
C ILE E 49 -1.44 43.05 -17.31
N LYS E 50 -0.77 41.90 -17.38
CA LYS E 50 -0.47 41.29 -18.68
C LYS E 50 -1.74 40.90 -19.42
N LEU E 51 -2.71 40.34 -18.71
CA LEU E 51 -3.98 40.00 -19.34
C LEU E 51 -4.67 41.24 -19.92
N ILE E 52 -4.71 42.32 -19.14
CA ILE E 52 -5.32 43.56 -19.60
C ILE E 52 -4.57 44.11 -20.82
N PHE E 53 -3.23 44.04 -20.78
CA PHE E 53 -2.41 44.54 -21.88
C PHE E 53 -2.69 43.76 -23.16
N LEU E 54 -2.81 42.44 -23.07
CA LEU E 54 -3.10 41.63 -24.26
C LEU E 54 -4.48 41.95 -24.82
N TRP E 55 -5.49 42.02 -23.93
CA TRP E 55 -6.85 42.29 -24.38
C TRP E 55 -6.98 43.65 -25.02
N LEU E 56 -6.18 44.63 -24.58
CA LEU E 56 -6.17 45.92 -25.24
C LEU E 56 -5.25 45.98 -26.45
N LEU E 57 -4.26 45.09 -26.53
CA LEU E 57 -3.32 45.11 -27.65
C LEU E 57 -3.91 44.51 -28.92
N TRP E 58 -4.85 43.58 -28.81
CA TRP E 58 -5.46 43.04 -30.02
C TRP E 58 -6.15 44.11 -30.89
N PRO E 59 -7.10 44.90 -30.39
CA PRO E 59 -7.77 45.86 -31.29
C PRO E 59 -6.86 46.97 -31.75
N VAL E 60 -5.90 47.40 -30.93
CA VAL E 60 -4.98 48.45 -31.34
C VAL E 60 -4.13 47.97 -32.51
N THR E 61 -3.63 46.74 -32.45
CA THR E 61 -2.87 46.20 -33.56
C THR E 61 -3.71 46.08 -34.82
N LEU E 62 -4.96 45.61 -34.68
CA LEU E 62 -5.82 45.50 -35.86
C LEU E 62 -6.09 46.87 -36.48
N ALA E 63 -6.38 47.88 -35.65
CA ALA E 63 -6.65 49.21 -36.17
C ALA E 63 -5.42 49.84 -36.80
N CYS E 64 -4.25 49.63 -36.20
CA CYS E 64 -3.01 50.15 -36.78
C CYS E 64 -2.74 49.52 -38.14
N PHE E 65 -2.97 48.21 -38.27
CA PHE E 65 -2.74 47.55 -39.55
C PHE E 65 -3.71 48.02 -40.61
N VAL E 66 -5.00 48.18 -40.26
CA VAL E 66 -5.93 48.66 -41.28
C VAL E 66 -5.65 50.12 -41.65
N LEU E 67 -5.15 50.92 -40.70
CA LEU E 67 -4.77 52.29 -41.02
C LEU E 67 -3.56 52.32 -41.95
N ALA E 68 -2.57 51.45 -41.71
CA ALA E 68 -1.43 51.36 -42.62
C ALA E 68 -1.86 50.85 -43.99
N ALA E 69 -2.90 50.02 -44.05
CA ALA E 69 -3.41 49.58 -45.34
C ALA E 69 -4.10 50.71 -46.09
N VAL E 70 -4.91 51.51 -45.39
CA VAL E 70 -5.64 52.58 -46.08
C VAL E 70 -4.70 53.72 -46.47
N TYR E 71 -3.67 53.99 -45.67
CA TYR E 71 -2.66 55.00 -45.99
C TYR E 71 -1.34 54.26 -46.18
N ARG E 72 -1.04 53.88 -47.43
CA ARG E 72 0.07 52.99 -47.72
C ARG E 72 1.03 53.63 -48.71
N ILE E 73 2.28 53.18 -48.66
CA ILE E 73 3.30 53.66 -49.58
C ILE E 73 3.02 53.16 -50.99
N ASN E 74 2.74 51.86 -51.14
CA ASN E 74 2.47 51.27 -52.44
C ASN E 74 1.63 50.01 -52.22
N TRP E 75 1.20 49.41 -53.33
CA TRP E 75 0.27 48.28 -53.26
C TRP E 75 0.87 47.06 -52.55
N ILE E 76 2.20 46.95 -52.50
CA ILE E 76 2.81 45.86 -51.74
C ILE E 76 2.53 46.00 -50.26
N THR E 77 2.74 47.21 -49.72
CA THR E 77 2.49 47.45 -48.31
C THR E 77 1.02 47.33 -47.96
N GLY E 78 0.13 47.69 -48.89
CA GLY E 78 -1.29 47.51 -48.65
C GLY E 78 -1.66 46.04 -48.48
N GLY E 79 -1.14 45.18 -49.36
CA GLY E 79 -1.40 43.76 -49.22
C GLY E 79 -0.78 43.18 -47.96
N ILE E 80 0.43 43.64 -47.60
CA ILE E 80 1.07 43.17 -46.38
C ILE E 80 0.22 43.55 -45.16
N ALA E 81 -0.25 44.80 -45.11
CA ALA E 81 -1.05 45.26 -43.99
C ALA E 81 -2.38 44.52 -43.92
N ILE E 82 -3.00 44.24 -45.06
CA ILE E 82 -4.26 43.50 -45.06
C ILE E 82 -4.04 42.08 -44.54
N ALA E 83 -2.96 41.42 -44.97
CA ALA E 83 -2.66 40.08 -44.49
C ALA E 83 -2.40 40.07 -42.98
N MET E 84 -1.66 41.07 -42.49
CA MET E 84 -1.39 41.14 -41.06
C MET E 84 -2.66 41.40 -40.26
N ALA E 85 -3.56 42.25 -40.79
CA ALA E 85 -4.83 42.49 -40.12
C ALA E 85 -5.67 41.20 -40.06
N CYS E 86 -5.69 40.44 -41.14
CA CYS E 86 -6.40 39.16 -41.13
C CYS E 86 -5.79 38.21 -40.11
N LEU E 87 -4.45 38.20 -40.01
CA LEU E 87 -3.78 37.31 -39.07
C LEU E 87 -4.12 37.67 -37.62
N VAL E 88 -4.07 38.96 -37.28
CA VAL E 88 -4.37 39.34 -35.91
C VAL E 88 -5.84 39.12 -35.58
N GLY E 89 -6.74 39.33 -36.54
CA GLY E 89 -8.14 39.00 -36.31
C GLY E 89 -8.35 37.51 -36.09
N LEU E 90 -7.62 36.69 -36.84
CA LEU E 90 -7.70 35.24 -36.66
C LEU E 90 -7.21 34.83 -35.27
N MET E 91 -6.11 35.45 -34.81
CA MET E 91 -5.62 35.16 -33.47
C MET E 91 -6.64 35.56 -32.40
N TRP E 92 -7.25 36.74 -32.57
CA TRP E 92 -8.28 37.20 -31.63
C TRP E 92 -9.44 36.23 -31.54
N LEU E 93 -9.97 35.83 -32.71
CA LEU E 93 -11.12 34.93 -32.73
C LEU E 93 -10.76 33.55 -32.18
N SER E 94 -9.58 33.04 -32.50
CA SER E 94 -9.16 31.75 -31.97
C SER E 94 -9.07 31.77 -30.45
N TYR E 95 -8.46 32.82 -29.90
CA TYR E 95 -8.37 32.93 -28.44
C TYR E 95 -9.75 32.97 -27.80
N PHE E 96 -10.65 33.82 -28.34
CA PHE E 96 -11.96 33.95 -27.72
C PHE E 96 -12.75 32.65 -27.80
N ILE E 97 -12.70 31.96 -28.94
CA ILE E 97 -13.45 30.71 -29.10
C ILE E 97 -12.92 29.64 -28.15
N ALA E 98 -11.60 29.48 -28.07
CA ALA E 98 -11.03 28.47 -27.19
C ALA E 98 -11.34 28.77 -25.72
N SER E 99 -11.21 30.04 -25.32
CA SER E 99 -11.47 30.40 -23.93
C SER E 99 -12.95 30.20 -23.58
N PHE E 100 -13.85 30.54 -24.49
CA PHE E 100 -15.27 30.37 -24.19
C PHE E 100 -15.66 28.89 -24.13
N ARG E 101 -15.08 28.06 -24.99
CA ARG E 101 -15.34 26.62 -24.90
C ARG E 101 -14.83 26.06 -23.59
N LEU E 102 -13.61 26.43 -23.18
CA LEU E 102 -13.07 25.91 -21.93
C LEU E 102 -13.88 26.41 -20.73
N PHE E 103 -14.34 27.66 -20.77
CA PHE E 103 -15.17 28.18 -19.69
C PHE E 103 -16.52 27.49 -19.65
N ALA E 104 -17.08 27.12 -20.81
CA ALA E 104 -18.31 26.33 -20.82
C ALA E 104 -18.08 24.97 -20.20
N ARG E 105 -16.91 24.37 -20.46
CA ARG E 105 -16.61 23.06 -19.87
C ARG E 105 -16.46 23.13 -18.36
N THR E 106 -15.67 24.09 -17.86
CA THR E 106 -15.23 24.06 -16.48
C THR E 106 -15.74 25.20 -15.60
N ARG E 107 -16.21 26.31 -16.17
CA ARG E 107 -16.69 27.47 -15.42
C ARG E 107 -15.65 27.99 -14.43
N SER E 108 -14.41 28.08 -14.88
CA SER E 108 -13.30 28.57 -14.06
C SER E 108 -12.59 29.71 -14.77
N MET E 109 -11.91 30.54 -13.99
CA MET E 109 -11.17 31.68 -14.52
C MET E 109 -9.78 31.30 -15.00
N TRP E 110 -9.37 30.04 -14.86
CA TRP E 110 -8.16 29.56 -15.51
C TRP E 110 -8.35 29.39 -17.01
N SER E 111 -9.59 29.51 -17.51
CA SER E 111 -9.86 29.33 -18.93
C SER E 111 -9.22 30.43 -19.76
N PHE E 112 -9.07 31.64 -19.19
CA PHE E 112 -8.54 32.78 -19.90
C PHE E 112 -7.03 32.93 -19.74
N ASN E 113 -6.39 32.00 -19.05
CA ASN E 113 -4.94 32.02 -18.90
C ASN E 113 -4.29 31.45 -20.16
N PRO E 114 -3.48 32.23 -20.89
CA PRO E 114 -2.89 31.70 -22.12
C PRO E 114 -1.88 30.58 -21.89
N GLU E 115 -1.35 30.44 -20.68
CA GLU E 115 -0.32 29.45 -20.40
C GLU E 115 -0.86 28.03 -20.29
N THR E 116 -2.16 27.88 -20.03
CA THR E 116 -2.75 26.59 -19.72
C THR E 116 -3.84 26.25 -20.73
N ASN E 117 -3.97 24.96 -21.03
CA ASN E 117 -5.05 24.45 -21.87
C ASN E 117 -5.76 23.24 -21.30
N ILE E 118 -5.22 22.56 -20.30
CA ILE E 118 -5.83 21.41 -19.67
C ILE E 118 -6.09 21.74 -18.21
N LEU E 119 -7.32 21.46 -17.73
CA LEU E 119 -7.72 21.80 -16.38
C LEU E 119 -8.28 20.59 -15.65
N LEU E 120 -7.99 20.49 -14.36
CA LEU E 120 -8.42 19.39 -13.51
C LEU E 120 -9.39 19.90 -12.46
N ASN E 121 -10.58 19.31 -12.38
CA ASN E 121 -11.61 19.69 -11.43
C ASN E 121 -11.82 18.57 -10.41
N VAL E 122 -11.77 18.93 -9.12
CA VAL E 122 -11.96 17.94 -8.05
C VAL E 122 -13.02 18.45 -7.07
N PRO E 123 -14.07 17.67 -6.81
CA PRO E 123 -15.06 18.06 -5.79
C PRO E 123 -14.55 17.78 -4.38
N LEU E 124 -14.20 18.84 -3.66
CA LEU E 124 -13.66 18.71 -2.32
C LEU E 124 -14.17 19.85 -1.44
N HIS E 125 -14.49 19.52 -0.18
CA HIS E 125 -14.97 20.49 0.81
C HIS E 125 -16.23 21.22 0.34
N GLY E 126 -17.09 20.51 -0.38
CA GLY E 126 -18.30 21.10 -0.90
C GLY E 126 -18.10 22.06 -2.04
N THR E 127 -16.90 22.14 -2.61
CA THR E 127 -16.59 23.02 -3.72
C THR E 127 -15.81 22.25 -4.76
N ILE E 128 -15.59 22.88 -5.91
CA ILE E 128 -14.82 22.30 -7.00
C ILE E 128 -13.53 23.10 -7.16
N LEU E 129 -12.40 22.41 -7.09
CA LEU E 129 -11.09 23.03 -7.17
C LEU E 129 -10.48 22.78 -8.54
N THR E 130 -10.12 23.86 -9.24
CA THR E 130 -9.58 23.77 -10.59
C THR E 130 -8.09 24.05 -10.56
N ARG E 131 -7.31 23.15 -11.17
CA ARG E 131 -5.86 23.27 -11.28
C ARG E 131 -5.45 22.89 -12.69
N PRO E 132 -4.41 23.52 -13.23
CA PRO E 132 -3.94 23.16 -14.57
C PRO E 132 -3.10 21.90 -14.58
N LEU E 133 -3.10 21.22 -15.72
CA LEU E 133 -2.31 20.02 -15.93
C LEU E 133 -1.38 20.22 -17.11
N LEU E 134 -0.17 19.64 -17.02
CA LEU E 134 0.77 19.73 -18.12
C LEU E 134 0.40 18.78 -19.26
N GLU E 135 -0.04 17.57 -18.95
CA GLU E 135 -0.33 16.56 -19.94
C GLU E 135 -1.66 15.89 -19.64
N SER E 136 -2.34 15.44 -20.70
CA SER E 136 -3.55 14.66 -20.55
C SER E 136 -3.20 13.20 -20.33
N GLU E 137 -3.87 12.57 -19.36
CA GLU E 137 -3.49 11.26 -18.88
C GLU E 137 -4.67 10.29 -18.96
N LEU E 138 -4.33 9.01 -19.06
CA LEU E 138 -5.35 7.96 -19.02
C LEU E 138 -5.63 7.49 -17.59
N VAL E 139 -4.66 7.61 -16.70
CA VAL E 139 -4.81 7.27 -15.28
C VAL E 139 -4.13 8.33 -14.44
N ILE E 140 -4.77 8.74 -13.36
CA ILE E 140 -4.28 9.80 -12.48
C ILE E 140 -4.10 9.21 -11.08
N GLY E 141 -2.93 9.44 -10.48
CA GLY E 141 -2.65 8.95 -9.15
C GLY E 141 -2.89 9.98 -8.06
N ALA E 142 -2.92 9.50 -6.82
CA ALA E 142 -3.14 10.36 -5.67
C ALA E 142 -2.40 9.79 -4.47
N VAL E 143 -1.92 10.70 -3.61
CA VAL E 143 -1.26 10.33 -2.37
C VAL E 143 -1.88 11.14 -1.24
N ILE E 144 -1.66 10.68 0.00
CA ILE E 144 -2.25 11.30 1.19
C ILE E 144 -1.17 11.97 2.06
N LEU E 145 -0.20 11.18 2.55
CA LEU E 145 0.94 11.72 3.30
C LEU E 145 0.48 12.51 4.53
N ARG E 146 -0.10 11.78 5.49
CA ARG E 146 -0.57 12.32 6.77
C ARG E 146 -1.76 13.28 6.58
N GLY E 147 -2.79 12.81 5.89
CA GLY E 147 -4.03 13.54 5.76
C GLY E 147 -3.95 14.85 5.01
N HIS E 148 -3.26 14.86 3.87
CA HIS E 148 -3.17 16.03 3.01
C HIS E 148 -3.27 15.58 1.55
N LEU E 149 -4.47 15.64 0.99
CA LEU E 149 -4.70 15.16 -0.37
C LEU E 149 -3.81 15.88 -1.37
N ARG E 150 -3.21 15.10 -2.27
CA ARG E 150 -2.25 15.62 -3.25
C ARG E 150 -2.46 14.87 -4.56
N ILE E 151 -3.31 15.42 -5.43
CA ILE E 151 -3.69 14.78 -6.68
C ILE E 151 -2.87 15.40 -7.80
N ALA E 152 -2.15 14.55 -8.55
CA ALA E 152 -1.33 14.96 -9.70
C ALA E 152 -0.26 15.97 -9.31
N GLY E 153 0.23 15.89 -8.07
CA GLY E 153 1.25 16.79 -7.59
C GLY E 153 0.75 18.10 -7.04
N HIS E 154 -0.56 18.34 -7.07
CA HIS E 154 -1.15 19.59 -6.60
C HIS E 154 -1.60 19.43 -5.15
N HIS E 155 -1.25 20.41 -4.32
CA HIS E 155 -1.65 20.40 -2.91
C HIS E 155 -3.08 20.91 -2.81
N LEU E 156 -4.02 20.00 -2.54
CA LEU E 156 -5.43 20.36 -2.50
C LEU E 156 -5.91 20.74 -1.10
N GLY E 157 -5.68 19.88 -0.12
CA GLY E 157 -6.10 20.17 1.24
C GLY E 157 -6.10 18.89 2.07
N ARG E 158 -6.79 18.98 3.21
CA ARG E 158 -6.88 17.86 4.14
C ARG E 158 -7.97 16.89 3.69
N CYS E 159 -7.65 15.59 3.70
CA CYS E 159 -8.60 14.57 3.30
C CYS E 159 -8.18 13.26 3.93
N ASP E 160 -9.12 12.32 3.95
CA ASP E 160 -8.91 10.97 4.46
C ASP E 160 -9.06 9.96 3.33
N ILE E 161 -8.63 8.73 3.61
CA ILE E 161 -8.81 7.65 2.64
C ILE E 161 -10.29 7.38 2.43
N LYS E 162 -11.07 7.40 3.51
CA LYS E 162 -12.52 7.20 3.40
C LYS E 162 -13.20 8.37 2.69
N ASP E 163 -12.64 9.57 2.82
CA ASP E 163 -13.26 10.79 2.29
C ASP E 163 -12.73 11.16 0.90
N LEU E 164 -12.12 10.23 0.18
CA LEU E 164 -11.61 10.54 -1.14
C LEU E 164 -12.75 10.85 -2.09
N PRO E 165 -12.56 11.80 -3.01
CA PRO E 165 -13.60 12.06 -4.02
C PRO E 165 -13.86 10.84 -4.88
N LYS E 166 -15.14 10.63 -5.21
CA LYS E 166 -15.53 9.44 -5.95
C LYS E 166 -15.40 9.61 -7.46
N GLU E 167 -15.26 10.85 -7.95
CA GLU E 167 -15.21 11.09 -9.39
C GLU E 167 -14.64 12.47 -9.65
N ILE E 168 -13.66 12.55 -10.55
CA ILE E 168 -13.05 13.81 -10.97
C ILE E 168 -13.14 13.91 -12.49
N THR E 169 -12.98 15.13 -13.00
CA THR E 169 -13.04 15.37 -14.44
C THR E 169 -11.84 16.21 -14.88
N VAL E 170 -11.43 16.03 -16.12
CA VAL E 170 -10.37 16.81 -16.74
C VAL E 170 -10.92 17.43 -18.02
N ALA E 171 -11.01 18.75 -18.05
CA ALA E 171 -11.67 19.46 -19.13
C ALA E 171 -10.66 20.20 -20.00
N THR E 172 -10.86 20.12 -21.30
CA THR E 172 -10.11 20.90 -22.28
C THR E 172 -11.10 21.54 -23.25
N SER E 173 -10.57 22.21 -24.26
CA SER E 173 -11.43 22.94 -25.18
C SER E 173 -12.25 22.02 -26.06
N ARG E 174 -11.73 20.83 -26.38
CA ARG E 174 -12.35 19.94 -27.35
C ARG E 174 -13.18 18.82 -26.73
N THR E 175 -12.75 18.27 -25.59
CA THR E 175 -13.40 17.13 -25.00
C THR E 175 -13.43 17.27 -23.48
N LEU E 176 -14.23 16.42 -22.83
CA LEU E 176 -14.34 16.40 -21.38
C LEU E 176 -14.25 14.95 -20.91
N SER E 177 -13.23 14.65 -20.11
CA SER E 177 -12.97 13.29 -19.64
C SER E 177 -13.51 13.08 -18.24
N TYR E 178 -13.94 11.86 -17.97
CA TYR E 178 -14.48 11.47 -16.66
C TYR E 178 -13.62 10.37 -16.06
N TYR E 179 -13.32 10.51 -14.76
CA TYR E 179 -12.46 9.58 -14.05
C TYR E 179 -13.17 9.07 -12.81
N LYS E 180 -12.86 7.85 -12.42
CA LYS E 180 -13.49 7.21 -11.26
C LYS E 180 -12.43 6.58 -10.37
N LEU E 181 -12.76 6.47 -9.09
CA LEU E 181 -11.82 5.97 -8.10
C LEU E 181 -11.64 4.47 -8.22
N GLY E 182 -10.40 4.01 -8.01
CA GLY E 182 -10.11 2.58 -7.97
C GLY E 182 -8.75 2.28 -7.39
N ALA E 183 -8.59 1.08 -6.82
CA ALA E 183 -7.30 0.58 -6.32
C ALA E 183 -6.71 1.50 -5.24
N SER E 184 -7.42 1.58 -4.11
CA SER E 184 -6.91 2.30 -2.96
C SER E 184 -5.98 1.41 -2.14
N GLN E 185 -5.24 2.04 -1.23
CA GLN E 185 -4.32 1.34 -0.35
C GLN E 185 -4.00 2.24 0.84
N ARG E 186 -3.83 1.63 2.02
CA ARG E 186 -3.55 2.36 3.25
C ARG E 186 -2.22 1.91 3.84
N VAL E 187 -1.46 2.87 4.35
CA VAL E 187 -0.26 2.60 5.12
C VAL E 187 -0.40 3.27 6.48
N ALA E 188 0.51 2.96 7.38
CA ALA E 188 0.43 3.45 8.76
C ALA E 188 0.64 4.96 8.82
N GLY E 189 -0.12 5.61 9.69
CA GLY E 189 0.04 7.02 9.93
C GLY E 189 -0.89 7.93 9.16
N ASP E 190 -2.11 7.46 8.86
CA ASP E 190 -3.12 8.23 8.12
C ASP E 190 -2.57 8.66 6.75
N SER E 191 -1.92 7.73 6.06
CA SER E 191 -1.40 7.96 4.72
C SER E 191 -1.89 6.85 3.80
N GLY E 192 -1.87 7.12 2.50
CA GLY E 192 -2.42 6.17 1.56
C GLY E 192 -2.08 6.51 0.13
N PHE E 193 -2.74 5.79 -0.78
CA PHE E 193 -2.48 5.87 -2.21
C PHE E 193 -3.75 5.46 -2.95
N ALA E 194 -4.05 6.15 -4.05
CA ALA E 194 -5.25 5.86 -4.82
C ALA E 194 -4.96 6.08 -6.29
N ALA E 195 -5.88 5.61 -7.13
CA ALA E 195 -5.76 5.75 -8.57
C ALA E 195 -7.11 6.13 -9.17
N TYR E 196 -7.08 7.01 -10.16
CA TYR E 196 -8.26 7.43 -10.89
C TYR E 196 -8.06 7.12 -12.36
N SER E 197 -8.95 6.32 -12.94
CA SER E 197 -8.82 5.86 -14.31
C SER E 197 -10.01 6.33 -15.13
N ARG E 198 -9.76 6.69 -16.38
CA ARG E 198 -10.79 7.24 -17.24
C ARG E 198 -11.75 6.16 -17.73
N TYR E 199 -13.05 6.47 -17.71
CA TYR E 199 -14.06 5.55 -18.21
C TYR E 199 -14.96 6.14 -19.29
N ARG E 200 -14.93 7.45 -19.50
CA ARG E 200 -15.76 8.09 -20.50
C ARG E 200 -15.09 9.40 -20.92
N ILE E 201 -15.02 9.64 -22.22
CA ILE E 201 -14.48 10.87 -22.78
C ILE E 201 -15.53 11.66 -23.54
N GLY E 202 -16.74 11.13 -23.69
CA GLY E 202 -17.85 11.86 -24.27
C GLY E 202 -18.60 12.65 -23.22
N ASN E 203 -19.88 12.91 -23.49
CA ASN E 203 -20.76 13.67 -22.62
C ASN E 203 -20.14 15.04 -22.29
N TYR E 204 -19.97 15.84 -23.34
CA TYR E 204 -19.28 17.11 -23.23
C TYR E 204 -20.10 18.11 -22.41
N LYS E 205 -19.39 19.07 -21.81
CA LYS E 205 -19.96 20.18 -21.05
C LYS E 205 -20.66 19.72 -19.78
N LEU E 206 -21.00 20.67 -18.92
CA LEU E 206 -21.69 20.36 -17.67
C LEU E 206 -23.16 20.81 -17.73
N LEU F 17 4.43 59.38 -41.71
CA LEU F 17 3.98 58.53 -40.62
C LEU F 17 3.61 57.14 -41.13
N GLU F 18 3.37 57.04 -42.43
CA GLU F 18 2.98 55.77 -43.05
C GLU F 18 4.06 54.71 -42.86
N GLN F 19 5.33 55.11 -42.99
CA GLN F 19 6.43 54.18 -42.69
C GLN F 19 6.44 53.83 -41.20
N TRP F 20 6.29 54.84 -40.34
CA TRP F 20 6.32 54.57 -38.90
C TRP F 20 5.09 53.80 -38.45
N ASN F 21 3.95 54.01 -39.12
CA ASN F 21 2.75 53.25 -38.77
C ASN F 21 2.92 51.77 -39.09
N LEU F 22 3.58 51.45 -40.20
CA LEU F 22 3.86 50.06 -40.52
C LEU F 22 4.85 49.46 -39.53
N VAL F 23 5.87 50.22 -39.13
CA VAL F 23 6.86 49.73 -38.18
C VAL F 23 6.23 49.51 -36.80
N ILE F 24 5.42 50.48 -36.35
CA ILE F 24 4.73 50.30 -35.08
C ILE F 24 3.64 49.23 -35.19
N GLY F 25 3.17 48.94 -36.40
CA GLY F 25 2.26 47.82 -36.58
C GLY F 25 2.94 46.47 -36.33
N PHE F 26 4.15 46.30 -36.88
CA PHE F 26 4.89 45.06 -36.66
C PHE F 26 5.52 45.00 -35.27
N LEU F 27 5.68 46.14 -34.60
CA LEU F 27 6.17 46.15 -33.24
C LEU F 27 5.17 45.46 -32.30
N PHE F 28 3.88 45.72 -32.49
CA PHE F 28 2.86 45.11 -31.65
C PHE F 28 2.58 43.66 -32.02
N LEU F 29 2.82 43.27 -33.28
CA LEU F 29 2.58 41.90 -33.69
C LEU F 29 3.51 40.93 -32.97
N THR F 30 4.76 41.32 -32.75
CA THR F 30 5.65 40.50 -31.93
C THR F 30 5.21 40.49 -30.48
N TRP F 31 4.59 41.57 -30.00
CA TRP F 31 4.10 41.61 -28.63
C TRP F 31 2.90 40.69 -28.43
N ILE F 32 2.10 40.49 -29.46
CA ILE F 32 0.97 39.56 -29.37
C ILE F 32 1.47 38.12 -29.29
N CYS F 33 2.47 37.78 -30.10
CA CYS F 33 2.93 36.40 -30.17
C CYS F 33 3.68 35.97 -28.91
N LEU F 34 4.37 36.90 -28.26
CA LEU F 34 5.15 36.54 -27.07
C LEU F 34 4.28 36.35 -25.84
N LEU F 35 3.18 37.10 -25.72
CA LEU F 35 2.30 37.01 -24.56
C LEU F 35 1.22 35.95 -24.70
N GLN F 36 1.13 35.29 -25.85
CA GLN F 36 0.06 34.33 -26.11
C GLN F 36 0.55 32.93 -26.42
N PHE F 37 1.72 32.77 -27.05
CA PHE F 37 2.20 31.47 -27.47
C PHE F 37 3.58 31.10 -26.93
N ALA F 38 4.40 32.07 -26.54
CA ALA F 38 5.81 31.81 -26.21
C ALA F 38 5.90 31.28 -24.78
N TYR F 39 5.58 30.00 -24.63
CA TYR F 39 5.69 29.31 -23.35
C TYR F 39 6.41 27.98 -23.55
N ALA F 40 6.98 27.47 -22.45
CA ALA F 40 7.83 26.30 -22.54
C ALA F 40 7.07 25.06 -22.99
N ASN F 41 5.87 24.85 -22.45
CA ASN F 41 5.07 23.70 -22.85
C ASN F 41 4.24 23.96 -24.11
N ARG F 42 4.06 25.23 -24.49
CA ARG F 42 3.24 25.55 -25.65
C ARG F 42 4.05 25.47 -26.94
N ASN F 43 5.09 26.29 -27.06
CA ASN F 43 5.86 26.37 -28.30
C ASN F 43 7.31 26.66 -27.94
N ARG F 44 8.18 25.66 -28.16
CA ARG F 44 9.58 25.80 -27.76
C ARG F 44 10.34 26.78 -28.65
N PHE F 45 9.99 26.84 -29.95
CA PHE F 45 10.64 27.81 -30.84
C PHE F 45 10.36 29.23 -30.39
N LEU F 46 9.10 29.55 -30.12
CA LEU F 46 8.76 30.88 -29.63
C LEU F 46 9.28 31.12 -28.23
N TYR F 47 9.45 30.06 -27.43
CA TYR F 47 10.07 30.22 -26.12
C TYR F 47 11.53 30.65 -26.25
N ILE F 48 12.27 30.03 -27.17
CA ILE F 48 13.66 30.43 -27.41
C ILE F 48 13.73 31.85 -27.96
N ILE F 49 12.79 32.20 -28.85
CA ILE F 49 12.76 33.56 -29.39
C ILE F 49 12.48 34.56 -28.28
N LYS F 50 11.60 34.22 -27.34
CA LYS F 50 11.32 35.08 -26.20
C LYS F 50 12.56 35.24 -25.33
N LEU F 51 13.32 34.17 -25.14
CA LEU F 51 14.57 34.27 -24.37
C LEU F 51 15.56 35.21 -25.05
N ILE F 52 15.69 35.12 -26.37
CA ILE F 52 16.61 36.00 -27.09
C ILE F 52 16.16 37.44 -26.99
N PHE F 53 14.85 37.69 -27.16
CA PHE F 53 14.33 39.05 -27.03
C PHE F 53 14.56 39.61 -25.63
N LEU F 54 14.33 38.78 -24.60
CA LEU F 54 14.55 39.22 -23.22
C LEU F 54 16.01 39.55 -22.98
N TRP F 55 16.92 38.72 -23.49
CA TRP F 55 18.35 39.00 -23.29
C TRP F 55 18.82 40.23 -24.07
N LEU F 56 18.14 40.57 -25.16
CA LEU F 56 18.51 41.78 -25.90
C LEU F 56 17.78 43.03 -25.44
N LEU F 57 16.73 42.90 -24.62
CA LEU F 57 15.97 44.08 -24.22
C LEU F 57 16.74 44.96 -23.23
N TRP F 58 17.49 44.35 -22.30
CA TRP F 58 18.14 45.13 -21.25
C TRP F 58 19.17 46.14 -21.77
N PRO F 59 20.15 45.77 -22.62
CA PRO F 59 21.10 46.80 -23.09
C PRO F 59 20.44 47.90 -23.89
N VAL F 60 19.46 47.56 -24.72
CA VAL F 60 18.78 48.56 -25.54
C VAL F 60 18.02 49.55 -24.65
N THR F 61 17.31 49.04 -23.64
CA THR F 61 16.58 49.91 -22.72
C THR F 61 17.54 50.81 -21.94
N LEU F 62 18.65 50.25 -21.46
CA LEU F 62 19.62 51.05 -20.72
C LEU F 62 20.21 52.15 -21.60
N ALA F 63 20.58 51.81 -22.83
CA ALA F 63 21.14 52.80 -23.74
C ALA F 63 20.12 53.87 -24.10
N CYS F 64 18.87 53.48 -24.31
CA CYS F 64 17.83 54.45 -24.61
C CYS F 64 17.61 55.40 -23.44
N PHE F 65 17.64 54.87 -22.21
CA PHE F 65 17.44 55.74 -21.06
C PHE F 65 18.60 56.70 -20.85
N VAL F 66 19.84 56.23 -21.03
CA VAL F 66 20.96 57.16 -20.88
C VAL F 66 20.97 58.17 -22.02
N LEU F 67 20.48 57.78 -23.21
CA LEU F 67 20.36 58.74 -24.30
C LEU F 67 19.30 59.79 -24.00
N ALA F 68 18.18 59.39 -23.41
CA ALA F 68 17.17 60.37 -22.98
C ALA F 68 17.70 61.25 -21.87
N ALA F 69 18.63 60.73 -21.05
CA ALA F 69 19.23 61.55 -20.00
C ALA F 69 20.16 62.60 -20.60
N VAL F 70 21.01 62.21 -21.55
CA VAL F 70 21.97 63.16 -22.13
C VAL F 70 21.25 64.18 -23.02
N TYR F 71 20.24 63.74 -23.77
CA TYR F 71 19.40 64.64 -24.57
C TYR F 71 18.05 64.73 -23.88
N ARG F 72 17.90 65.71 -23.00
CA ARG F 72 16.73 65.81 -22.13
C ARG F 72 16.03 67.15 -22.31
N ILE F 73 14.72 67.15 -22.06
CA ILE F 73 13.95 68.38 -22.10
C ILE F 73 14.33 69.29 -20.95
N ASN F 74 14.40 68.74 -19.74
CA ASN F 74 14.78 69.51 -18.55
C ASN F 74 15.37 68.55 -17.53
N TRP F 75 15.86 69.12 -16.42
CA TRP F 75 16.57 68.33 -15.42
C TRP F 75 15.67 67.28 -14.76
N ILE F 76 14.36 67.50 -14.75
CA ILE F 76 13.44 66.51 -14.20
C ILE F 76 13.48 65.23 -15.01
N THR F 77 13.39 65.36 -16.33
CA THR F 77 13.46 64.19 -17.20
C THR F 77 14.83 63.52 -17.13
N GLY F 78 15.89 64.29 -16.89
CA GLY F 78 17.19 63.70 -16.70
C GLY F 78 17.24 62.80 -15.47
N GLY F 79 16.69 63.28 -14.36
CA GLY F 79 16.63 62.46 -13.17
C GLY F 79 15.76 61.23 -13.34
N ILE F 80 14.63 61.39 -14.04
CA ILE F 80 13.77 60.24 -14.33
C ILE F 80 14.51 59.20 -15.15
N ALA F 81 15.22 59.63 -16.19
CA ALA F 81 15.98 58.71 -17.03
C ALA F 81 17.08 58.02 -16.25
N ILE F 82 17.76 58.75 -15.36
CA ILE F 82 18.81 58.15 -14.53
C ILE F 82 18.22 57.08 -13.62
N ALA F 83 17.08 57.38 -12.99
CA ALA F 83 16.45 56.40 -12.10
C ALA F 83 16.00 55.16 -12.87
N MET F 84 15.44 55.34 -14.07
CA MET F 84 15.01 54.20 -14.86
C MET F 84 16.20 53.37 -15.34
N ALA F 85 17.30 54.02 -15.69
CA ALA F 85 18.51 53.29 -16.07
C ALA F 85 19.03 52.46 -14.90
N CYS F 86 19.04 53.04 -13.69
CA CYS F 86 19.45 52.28 -12.52
C CYS F 86 18.52 51.09 -12.28
N LEU F 87 17.22 51.29 -12.49
CA LEU F 87 16.26 50.20 -12.28
C LEU F 87 16.48 49.06 -13.26
N VAL F 88 16.68 49.37 -14.54
CA VAL F 88 16.87 48.30 -15.52
C VAL F 88 18.21 47.61 -15.31
N GLY F 89 19.25 48.34 -14.90
CA GLY F 89 20.50 47.70 -14.56
C GLY F 89 20.37 46.77 -13.36
N LEU F 90 19.57 47.19 -12.37
CA LEU F 90 19.33 46.34 -11.21
C LEU F 90 18.60 45.06 -11.60
N MET F 91 17.60 45.17 -12.48
CA MET F 91 16.90 43.99 -12.98
C MET F 91 17.84 43.05 -13.72
N TRP F 92 18.70 43.60 -14.57
CA TRP F 92 19.68 42.80 -15.32
C TRP F 92 20.59 42.03 -14.37
N LEU F 93 21.17 42.74 -13.40
CA LEU F 93 22.09 42.10 -12.47
C LEU F 93 21.40 41.05 -11.61
N SER F 94 20.18 41.34 -11.14
CA SER F 94 19.43 40.37 -10.34
C SER F 94 19.17 39.09 -11.12
N TYR F 95 18.73 39.23 -12.37
CA TYR F 95 18.46 38.06 -13.20
C TYR F 95 19.73 37.24 -13.40
N PHE F 96 20.85 37.89 -13.74
CA PHE F 96 22.06 37.15 -14.01
C PHE F 96 22.58 36.45 -12.76
N ILE F 97 22.52 37.11 -11.61
CA ILE F 97 23.02 36.50 -10.37
C ILE F 97 22.17 35.29 -9.99
N ALA F 98 20.85 35.44 -10.04
CA ALA F 98 19.97 34.32 -9.68
C ALA F 98 20.16 33.14 -10.63
N SER F 99 20.22 33.41 -11.93
CA SER F 99 20.38 32.34 -12.91
C SER F 99 21.72 31.64 -12.74
N PHE F 100 22.79 32.39 -12.47
CA PHE F 100 24.09 31.76 -12.31
C PHE F 100 24.18 30.95 -11.03
N ARG F 101 23.55 31.41 -9.94
CA ARG F 101 23.50 30.59 -8.74
C ARG F 101 22.75 29.29 -8.97
N LEU F 102 21.58 29.37 -9.62
CA LEU F 102 20.79 28.17 -9.87
C LEU F 102 21.53 27.21 -10.80
N PHE F 103 22.22 27.73 -11.81
CA PHE F 103 22.98 26.88 -12.71
C PHE F 103 24.17 26.24 -12.00
N ALA F 104 24.81 26.98 -11.08
CA ALA F 104 25.90 26.40 -10.31
C ALA F 104 25.41 25.30 -9.39
N ARG F 105 24.18 25.39 -8.90
CA ARG F 105 23.66 24.34 -8.02
C ARG F 105 23.02 23.17 -8.75
N THR F 106 22.57 23.34 -10.00
CA THR F 106 21.88 22.26 -10.69
C THR F 106 22.44 21.91 -12.06
N ARG F 107 23.20 22.80 -12.71
CA ARG F 107 23.80 22.57 -14.03
C ARG F 107 22.76 22.15 -15.07
N SER F 108 21.61 22.84 -15.07
CA SER F 108 20.54 22.59 -16.01
C SER F 108 20.19 23.89 -16.73
N MET F 109 19.61 23.75 -17.93
CA MET F 109 19.19 24.90 -18.71
C MET F 109 17.83 25.44 -18.32
N TRP F 110 17.15 24.82 -17.35
CA TRP F 110 15.97 25.42 -16.75
C TRP F 110 16.32 26.59 -15.83
N SER F 111 17.61 26.80 -15.55
CA SER F 111 18.02 27.88 -14.66
C SER F 111 17.77 29.25 -15.28
N PHE F 112 17.74 29.33 -16.60
CA PHE F 112 17.56 30.58 -17.32
C PHE F 112 16.11 30.83 -17.71
N ASN F 113 15.19 29.99 -17.25
CA ASN F 113 13.77 30.16 -17.53
C ASN F 113 13.16 31.09 -16.49
N PRO F 114 12.65 32.26 -16.87
CA PRO F 114 12.09 33.19 -15.87
C PRO F 114 10.86 32.65 -15.15
N GLU F 115 10.16 31.68 -15.74
CA GLU F 115 8.95 31.15 -15.12
C GLU F 115 9.25 30.35 -13.87
N THR F 116 10.38 29.62 -13.86
CA THR F 116 10.70 28.67 -12.82
C THR F 116 11.74 29.22 -11.86
N ASN F 117 11.61 28.84 -10.59
CA ASN F 117 12.60 29.16 -9.57
C ASN F 117 12.98 27.98 -8.70
N ILE F 118 12.25 26.87 -8.74
CA ILE F 118 12.55 25.67 -7.97
C ILE F 118 12.71 24.51 -8.95
N LEU F 119 13.76 23.72 -8.78
CA LEU F 119 14.08 22.63 -9.70
C LEU F 119 14.29 21.33 -8.94
N LEU F 120 13.79 20.24 -9.51
CA LEU F 120 13.89 18.91 -8.92
C LEU F 120 14.82 18.04 -9.76
N ASN F 121 15.83 17.45 -9.13
CA ASN F 121 16.81 16.60 -9.81
C ASN F 121 16.64 15.17 -9.36
N VAL F 122 16.48 14.25 -10.32
CA VAL F 122 16.24 12.85 -10.04
C VAL F 122 17.26 12.01 -10.80
N PRO F 123 18.14 11.25 -10.12
CA PRO F 123 19.07 10.37 -10.84
C PRO F 123 18.39 9.10 -11.33
N LEU F 124 18.13 8.99 -12.63
CA LEU F 124 17.45 7.83 -13.18
C LEU F 124 18.05 7.47 -14.52
N HIS F 125 18.20 6.16 -14.76
CA HIS F 125 18.75 5.62 -16.01
C HIS F 125 20.15 6.14 -16.31
N GLY F 126 20.96 6.35 -15.27
CA GLY F 126 22.31 6.83 -15.44
C GLY F 126 22.42 8.31 -15.72
N THR F 127 21.31 9.05 -15.69
CA THR F 127 21.30 10.48 -15.94
C THR F 127 20.47 11.18 -14.86
N ILE F 128 20.61 12.49 -14.80
CA ILE F 128 19.85 13.32 -13.87
C ILE F 128 18.78 14.07 -14.64
N LEU F 129 17.53 13.95 -14.20
CA LEU F 129 16.38 14.53 -14.87
C LEU F 129 15.89 15.74 -14.08
N THR F 130 16.00 16.92 -14.66
CA THR F 130 15.61 18.16 -14.00
C THR F 130 14.21 18.56 -14.45
N ARG F 131 13.33 18.84 -13.48
CA ARG F 131 11.97 19.28 -13.71
C ARG F 131 11.65 20.41 -12.75
N PRO F 132 10.84 21.37 -13.17
CA PRO F 132 10.48 22.47 -12.28
C PRO F 132 9.39 22.08 -11.28
N LEU F 133 9.39 22.77 -10.15
CA LEU F 133 8.38 22.58 -9.11
C LEU F 133 7.68 23.89 -8.82
N LEU F 134 6.43 23.79 -8.36
CA LEU F 134 5.65 24.97 -8.01
C LEU F 134 5.88 25.41 -6.57
N GLU F 135 6.03 24.46 -5.64
CA GLU F 135 6.22 24.77 -4.24
C GLU F 135 7.36 23.92 -3.66
N SER F 136 8.01 24.45 -2.63
CA SER F 136 9.03 23.70 -1.91
C SER F 136 8.39 22.86 -0.83
N GLU F 137 8.67 21.56 -0.84
CA GLU F 137 7.97 20.59 -0.01
C GLU F 137 8.92 19.98 1.01
N LEU F 138 8.40 19.70 2.20
CA LEU F 138 9.16 18.98 3.20
C LEU F 138 9.22 17.49 2.90
N VAL F 139 8.15 16.95 2.30
CA VAL F 139 8.08 15.54 1.91
C VAL F 139 7.51 15.45 0.49
N ILE F 140 8.11 14.58 -0.32
CA ILE F 140 7.73 14.41 -1.72
C ILE F 140 7.26 12.98 -1.94
N GLY F 141 6.09 12.81 -2.57
CA GLY F 141 5.55 11.50 -2.84
C GLY F 141 5.91 10.98 -4.22
N ALA F 142 5.64 9.69 -4.44
CA ALA F 142 5.91 9.05 -5.71
C ALA F 142 4.93 7.91 -5.92
N VAL F 143 4.55 7.68 -7.18
CA VAL F 143 3.67 6.58 -7.57
C VAL F 143 4.31 5.86 -8.74
N ILE F 144 3.84 4.63 -8.99
CA ILE F 144 4.39 3.77 -10.03
C ILE F 144 3.39 3.55 -11.15
N LEU F 145 2.22 2.96 -10.85
CA LEU F 145 1.13 2.80 -11.82
C LEU F 145 1.58 2.02 -13.06
N ARG F 146 1.89 0.75 -12.83
CA ARG F 146 2.30 -0.21 -13.87
C ARG F 146 3.66 0.14 -14.46
N GLY F 147 4.65 0.29 -13.58
CA GLY F 147 6.03 0.49 -13.99
C GLY F 147 6.32 1.76 -14.75
N HIS F 148 5.80 2.89 -14.27
CA HIS F 148 6.05 4.20 -14.88
C HIS F 148 6.22 5.22 -13.77
N LEU F 149 7.48 5.49 -13.41
CA LEU F 149 7.77 6.38 -12.29
C LEU F 149 7.18 7.77 -12.52
N ARG F 150 6.60 8.32 -11.45
CA ARG F 150 5.88 9.60 -11.54
C ARG F 150 6.08 10.32 -10.20
N ILE F 151 7.09 11.18 -10.15
CA ILE F 151 7.47 11.89 -8.92
C ILE F 151 6.94 13.32 -9.01
N ALA F 152 6.17 13.71 -8.00
CA ALA F 152 5.59 15.05 -7.89
C ALA F 152 4.71 15.41 -9.10
N GLY F 153 4.08 14.41 -9.69
CA GLY F 153 3.22 14.62 -10.84
C GLY F 153 3.93 14.65 -12.18
N HIS F 154 5.25 14.50 -12.20
CA HIS F 154 6.03 14.55 -13.43
C HIS F 154 6.25 13.14 -13.96
N HIS F 155 6.01 12.94 -15.25
CA HIS F 155 6.23 11.65 -15.89
C HIS F 155 7.71 11.48 -16.21
N LEU F 156 8.40 10.64 -15.45
CA LEU F 156 9.84 10.49 -15.59
C LEU F 156 10.21 9.35 -16.56
N GLY F 157 9.66 8.17 -16.35
CA GLY F 157 9.97 7.04 -17.21
C GLY F 157 9.62 5.74 -16.52
N ARG F 158 10.16 4.65 -17.07
CA ARG F 158 9.90 3.32 -16.54
C ARG F 158 10.81 3.04 -15.35
N CYS F 159 10.24 2.49 -14.28
CA CYS F 159 10.99 2.15 -13.09
C CYS F 159 10.24 1.08 -12.32
N ASP F 160 10.96 0.41 -11.42
CA ASP F 160 10.39 -0.61 -10.55
C ASP F 160 10.43 -0.12 -9.11
N ILE F 161 9.71 -0.86 -8.24
CA ILE F 161 9.74 -0.54 -6.82
C ILE F 161 11.14 -0.74 -6.24
N LYS F 162 11.80 -1.83 -6.64
CA LYS F 162 13.15 -2.09 -6.18
C LYS F 162 14.20 -1.22 -6.87
N ASP F 163 13.83 -0.58 -7.98
CA ASP F 163 14.75 0.27 -8.74
C ASP F 163 14.55 1.75 -8.47
N LEU F 164 13.84 2.11 -7.40
CA LEU F 164 13.61 3.51 -7.09
C LEU F 164 14.93 4.20 -6.74
N PRO F 165 15.12 5.45 -7.17
CA PRO F 165 16.33 6.18 -6.76
C PRO F 165 16.39 6.36 -5.26
N LYS F 166 17.61 6.23 -4.71
CA LYS F 166 17.79 6.27 -3.27
C LYS F 166 17.78 7.69 -2.71
N GLU F 167 18.12 8.68 -3.52
CA GLU F 167 18.24 10.05 -3.04
C GLU F 167 18.01 11.04 -4.18
N ILE F 168 17.17 12.04 -3.92
CA ILE F 168 16.91 13.12 -4.87
C ILE F 168 17.22 14.45 -4.19
N THR F 169 17.34 15.50 -5.00
CA THR F 169 17.60 16.84 -4.49
C THR F 169 16.68 17.84 -5.13
N VAL F 170 16.42 18.93 -4.41
CA VAL F 170 15.63 20.06 -4.89
C VAL F 170 16.46 21.32 -4.73
N ALA F 171 16.79 21.97 -5.83
CA ALA F 171 17.73 23.08 -5.83
C ALA F 171 17.02 24.39 -6.15
N THR F 172 17.36 25.43 -5.40
CA THR F 172 16.91 26.78 -5.70
C THR F 172 18.10 27.72 -5.69
N SER F 173 17.86 29.03 -5.78
CA SER F 173 18.95 29.99 -5.87
C SER F 173 19.64 30.25 -4.54
N ARG F 174 19.06 29.84 -3.42
CA ARG F 174 19.60 30.15 -2.10
C ARG F 174 20.01 28.93 -1.30
N THR F 175 19.39 27.77 -1.50
CA THR F 175 19.66 26.59 -0.70
C THR F 175 19.50 25.34 -1.56
N LEU F 176 20.08 24.24 -1.08
CA LEU F 176 20.00 22.95 -1.74
C LEU F 176 19.53 21.91 -0.74
N SER F 177 18.37 21.30 -1.01
CA SER F 177 17.75 20.35 -0.10
C SER F 177 18.04 18.93 -0.54
N TYR F 178 18.23 18.04 0.42
CA TYR F 178 18.50 16.63 0.17
C TYR F 178 17.36 15.78 0.72
N TYR F 179 16.92 14.81 -0.09
CA TYR F 179 15.80 13.94 0.25
C TYR F 179 16.23 12.48 0.16
N LYS F 180 15.62 11.65 1.00
CA LYS F 180 15.97 10.23 1.04
C LYS F 180 14.71 9.39 1.02
N LEU F 181 14.85 8.16 0.51
CA LEU F 181 13.71 7.28 0.33
C LEU F 181 13.23 6.71 1.67
N GLY F 182 11.92 6.59 1.81
CA GLY F 182 11.33 5.95 2.97
C GLY F 182 9.87 5.60 2.78
N ALA F 183 9.40 4.57 3.49
CA ALA F 183 7.99 4.15 3.52
C ALA F 183 7.47 3.81 2.12
N SER F 184 8.05 2.74 1.57
CA SER F 184 7.56 2.19 0.31
C SER F 184 6.36 1.28 0.55
N GLN F 185 5.71 0.89 -0.54
CA GLN F 185 4.55 0.00 -0.49
C GLN F 185 4.32 -0.59 -1.87
N ARG F 186 3.83 -1.82 -1.90
CA ARG F 186 3.55 -2.53 -3.14
C ARG F 186 2.07 -2.89 -3.23
N VAL F 187 1.52 -2.75 -4.43
CA VAL F 187 0.19 -3.26 -4.75
C VAL F 187 0.30 -4.13 -6.00
N ALA F 188 -0.78 -4.85 -6.29
CA ALA F 188 -0.76 -5.82 -7.37
C ALA F 188 -0.64 -5.13 -8.72
N GLY F 189 0.11 -5.74 -9.62
CA GLY F 189 0.24 -5.24 -10.97
C GLY F 189 1.44 -4.36 -11.25
N ASP F 190 2.55 -4.59 -10.54
CA ASP F 190 3.78 -3.80 -10.69
C ASP F 190 3.50 -2.30 -10.46
N SER F 191 2.78 -2.01 -9.38
CA SER F 191 2.47 -0.64 -8.99
C SER F 191 2.78 -0.47 -7.51
N GLY F 192 3.00 0.78 -7.10
CA GLY F 192 3.41 1.03 -5.74
C GLY F 192 3.34 2.49 -5.37
N PHE F 193 3.95 2.80 -4.23
CA PHE F 193 3.90 4.13 -3.64
C PHE F 193 5.14 4.31 -2.76
N ALA F 194 5.71 5.51 -2.77
CA ALA F 194 6.91 5.79 -2.01
C ALA F 194 6.86 7.22 -1.50
N ALA F 195 7.75 7.53 -0.56
CA ALA F 195 7.85 8.86 0.02
C ALA F 195 9.30 9.26 0.14
N TYR F 196 9.59 10.54 -0.13
CA TYR F 196 10.92 11.11 0.01
C TYR F 196 10.83 12.28 0.98
N SER F 197 11.56 12.18 2.10
CA SER F 197 11.53 13.19 3.15
C SER F 197 12.89 13.86 3.28
N ARG F 198 12.88 15.16 3.57
CA ARG F 198 14.11 15.94 3.64
C ARG F 198 14.86 15.65 4.93
N TYR F 199 16.18 15.50 4.82
CA TYR F 199 17.03 15.31 5.99
C TYR F 199 18.14 16.34 6.12
N ARG F 200 18.45 17.09 5.07
CA ARG F 200 19.51 18.09 5.12
C ARG F 200 19.18 19.19 4.13
N ILE F 201 19.33 20.44 4.56
CA ILE F 201 19.13 21.61 3.71
C ILE F 201 20.42 22.41 3.54
N GLY F 202 21.50 22.04 4.20
CA GLY F 202 22.81 22.64 3.99
C GLY F 202 23.56 21.96 2.86
N ASN F 203 24.88 22.04 2.93
CA ASN F 203 25.78 21.47 1.92
C ASN F 203 25.43 22.02 0.53
N TYR F 204 25.58 23.33 0.39
CA TYR F 204 25.15 24.03 -0.81
C TYR F 204 26.03 23.65 -1.99
N LYS F 205 25.41 23.63 -3.18
CA LYS F 205 26.06 23.40 -4.47
C LYS F 205 26.62 21.98 -4.60
N LEU F 206 27.00 21.60 -5.81
CA LEU F 206 27.55 20.28 -6.05
C LEU F 206 29.06 20.33 -6.21
#